data_7VI6
#
_entry.id   7VI6
#
_cell.length_a   78.926
_cell.length_b   81.105
_cell.length_c   126.991
_cell.angle_alpha   90.000
_cell.angle_beta   90.000
_cell.angle_gamma   90.000
#
_symmetry.space_group_name_H-M   'P 21 21 21'
#
loop_
_entity.id
_entity.type
_entity.pdbx_description
1 polymer Beta-N-acetylhexosaminidase
2 non-polymer 'MAGNESIUM ION'
3 non-polymer 'CHLORIDE ION'
4 water water
#
_entity_poly.entity_id   1
_entity_poly.type   'polypeptide(L)'
_entity_poly.pdbx_seq_one_letter_code
;MLPALIGISGHEVGAEEEAAIRRLQPAGFILFSRNIDSVEQVRGLTESLRKLCLHHPVIAVDQEGGRVVRTASLGLNLPS
PASLARLGSVGGIVELGAVTALALRYLGVNLNFAPVLDICHDPSAANALPGRCWGDNAQDVISRGGVYASNLRRGGVQSC
GKHFPGMGRALADPHFSLPVIGLDERELFKTDLLPFLALCPALSSIMSAHIMLPQIDPDYPATLSERVIRGLLRDRLGFR
GVVFTDDLCMGAITTQYSPDDAAFLSLKAGCDLPLICHDPLPWLDGLASRQESLNAYDRWDSFKRVEKLSDSLCFPFPEK
ASLWDSCLRRAEALCRLEEDGREKLPSSPVQKYLEHHHHHH
;
_entity_poly.pdbx_strand_id   A,B
#
# COMPACT_ATOMS: atom_id res chain seq x y z
N MET A 1 24.41 -0.47 17.20
CA MET A 1 24.15 -0.65 15.77
C MET A 1 24.58 0.58 14.99
N LEU A 2 25.52 0.41 14.06
CA LEU A 2 25.92 1.53 13.23
C LEU A 2 24.82 1.83 12.21
N PRO A 3 24.33 3.06 12.14
CA PRO A 3 23.20 3.38 11.21
C PRO A 3 23.66 3.58 9.77
N ALA A 4 23.94 2.47 9.09
CA ALA A 4 24.32 2.51 7.68
C ALA A 4 24.17 1.12 7.07
N LEU A 5 24.06 1.10 5.74
CA LEU A 5 24.31 -0.12 4.97
C LEU A 5 25.72 -0.04 4.41
N ILE A 6 26.46 -1.15 4.50
CA ILE A 6 27.81 -1.17 3.96
C ILE A 6 27.93 -2.26 2.93
N GLY A 7 28.83 -2.06 1.97
CA GLY A 7 29.09 -3.05 0.96
C GLY A 7 30.11 -4.09 1.40
N ILE A 8 30.11 -5.20 0.69
CA ILE A 8 31.00 -6.32 0.94
C ILE A 8 31.84 -6.55 -0.31
N SER A 9 33.13 -6.83 -0.13
CA SER A 9 34.05 -6.84 -1.25
C SER A 9 33.84 -8.04 -2.17
N GLY A 10 33.71 -9.25 -1.62
CA GLY A 10 33.69 -10.42 -2.49
C GLY A 10 32.67 -11.50 -2.17
N HIS A 11 33.04 -12.76 -2.46
CA HIS A 11 32.10 -13.86 -2.33
C HIS A 11 31.93 -14.33 -0.90
N GLU A 12 32.87 -13.99 -0.03
CA GLU A 12 32.78 -14.27 1.40
C GLU A 12 33.21 -13.03 2.15
N VAL A 13 32.78 -12.95 3.41
CA VAL A 13 33.19 -11.84 4.26
C VAL A 13 34.67 -12.01 4.58
N GLY A 14 35.46 -10.98 4.28
CA GLY A 14 36.87 -10.99 4.58
C GLY A 14 37.18 -10.65 6.04
N ALA A 15 38.48 -10.69 6.35
CA ALA A 15 38.89 -10.57 7.76
C ALA A 15 38.67 -9.16 8.30
N GLU A 16 39.06 -8.14 7.54
CA GLU A 16 38.82 -6.76 7.97
C GLU A 16 37.32 -6.49 8.11
N GLU A 17 36.51 -6.95 7.16
CA GLU A 17 35.07 -6.73 7.23
C GLU A 17 34.47 -7.39 8.46
N GLU A 18 34.78 -8.68 8.67
CA GLU A 18 34.24 -9.40 9.81
C GLU A 18 34.58 -8.72 11.13
N ALA A 19 35.81 -8.23 11.27
CA ALA A 19 36.19 -7.53 12.50
C ALA A 19 35.39 -6.24 12.65
N ALA A 20 35.21 -5.49 11.57
CA ALA A 20 34.44 -4.25 11.65
C ALA A 20 32.97 -4.53 11.95
N ILE A 21 32.43 -5.61 11.38
CA ILE A 21 31.01 -5.94 11.61
C ILE A 21 30.77 -6.30 13.07
N ARG A 22 31.59 -7.22 13.60
CA ARG A 22 31.45 -7.59 15.01
C ARG A 22 31.53 -6.37 15.91
N ARG A 23 32.47 -5.47 15.64
CA ARG A 23 32.70 -4.33 16.51
C ARG A 23 31.61 -3.29 16.36
N LEU A 24 31.19 -3.00 15.13
CA LEU A 24 30.33 -1.85 14.87
C LEU A 24 28.87 -2.21 14.61
N GLN A 25 28.59 -3.44 14.18
CA GLN A 25 27.21 -3.93 14.06
C GLN A 25 26.39 -3.08 13.09
N PRO A 26 26.78 -2.99 11.83
CA PRO A 26 26.02 -2.15 10.89
C PRO A 26 24.60 -2.67 10.75
N ALA A 27 23.67 -1.74 10.53
CA ALA A 27 22.27 -2.10 10.38
C ALA A 27 22.08 -3.07 9.22
N GLY A 28 22.92 -3.00 8.20
CA GLY A 28 22.80 -3.95 7.11
C GLY A 28 23.85 -3.79 6.05
N PHE A 29 23.60 -4.45 4.92
CA PHE A 29 24.56 -4.56 3.83
C PHE A 29 23.83 -4.46 2.50
N ILE A 30 24.54 -3.96 1.50
CA ILE A 30 24.06 -3.95 0.13
C ILE A 30 24.99 -4.81 -0.70
N LEU A 31 24.41 -5.70 -1.49
CA LEU A 31 25.15 -6.61 -2.34
C LEU A 31 25.14 -6.14 -3.79
N PHE A 32 26.21 -6.48 -4.51
CA PHE A 32 26.36 -6.22 -5.93
C PHE A 32 26.76 -7.52 -6.62
N SER A 33 26.97 -7.44 -7.94
CA SER A 33 27.32 -8.64 -8.70
C SER A 33 28.59 -9.30 -8.17
N ARG A 34 29.53 -8.50 -7.64
CA ARG A 34 30.76 -9.05 -7.08
C ARG A 34 30.50 -9.98 -5.92
N ASN A 35 29.32 -9.92 -5.31
CA ASN A 35 28.98 -10.77 -4.18
C ASN A 35 28.18 -12.01 -4.58
N ILE A 36 27.87 -12.18 -5.87
CA ILE A 36 26.87 -13.16 -6.31
C ILE A 36 27.50 -14.02 -7.41
N ASP A 37 27.89 -15.25 -7.07
CA ASP A 37 28.51 -16.18 -8.01
C ASP A 37 27.75 -17.49 -8.13
N SER A 38 27.35 -18.09 -7.02
CA SER A 38 26.54 -19.30 -7.08
C SER A 38 25.52 -19.27 -5.96
N VAL A 39 24.44 -20.04 -6.15
CA VAL A 39 23.37 -20.10 -5.15
C VAL A 39 23.94 -20.50 -3.79
N GLU A 40 24.70 -21.59 -3.74
CA GLU A 40 25.28 -22.03 -2.47
C GLU A 40 26.19 -20.95 -1.89
N GLN A 41 26.98 -20.29 -2.73
CA GLN A 41 27.89 -19.28 -2.24
C GLN A 41 27.14 -18.07 -1.69
N VAL A 42 26.06 -17.66 -2.35
CA VAL A 42 25.31 -16.49 -1.90
C VAL A 42 24.59 -16.80 -0.59
N ARG A 43 23.90 -17.95 -0.55
CA ARG A 43 23.24 -18.34 0.69
C ARG A 43 24.23 -18.43 1.85
N GLY A 44 25.47 -18.85 1.58
CA GLY A 44 26.48 -18.85 2.62
C GLY A 44 26.89 -17.45 3.04
N LEU A 45 26.99 -16.53 2.08
CA LEU A 45 27.33 -15.15 2.41
C LEU A 45 26.26 -14.50 3.29
N THR A 46 24.99 -14.59 2.86
CA THR A 46 23.92 -13.98 3.63
C THR A 46 23.73 -14.65 4.98
N GLU A 47 23.99 -15.97 5.06
CA GLU A 47 23.98 -16.64 6.35
C GLU A 47 25.08 -16.08 7.27
N SER A 48 26.27 -15.83 6.72
CA SER A 48 27.35 -15.26 7.52
C SER A 48 26.98 -13.88 8.03
N LEU A 49 26.42 -13.03 7.16
CA LEU A 49 26.05 -11.69 7.57
C LEU A 49 25.02 -11.69 8.70
N ARG A 50 24.04 -12.61 8.64
CA ARG A 50 23.06 -12.69 9.73
CA ARG A 50 23.06 -12.69 9.72
C ARG A 50 23.70 -13.19 11.01
N LYS A 51 24.62 -14.14 10.90
CA LYS A 51 25.25 -14.69 12.11
C LYS A 51 26.16 -13.66 12.77
N LEU A 52 26.81 -12.81 11.99
CA LEU A 52 27.68 -11.79 12.56
C LEU A 52 26.93 -10.65 13.23
N CYS A 53 25.61 -10.55 13.06
CA CYS A 53 24.82 -9.45 13.58
C CYS A 53 23.90 -9.92 14.70
N LEU A 54 23.86 -9.15 15.80
CA LEU A 54 22.92 -9.44 16.87
C LEU A 54 21.48 -9.21 16.41
N HIS A 55 21.23 -8.08 15.74
CA HIS A 55 19.94 -7.79 15.13
C HIS A 55 19.79 -8.55 13.80
N HIS A 56 18.58 -8.50 13.24
CA HIS A 56 18.35 -9.04 11.91
C HIS A 56 18.77 -7.99 10.88
N PRO A 57 19.86 -8.21 10.16
CA PRO A 57 20.38 -7.15 9.29
C PRO A 57 19.60 -7.04 8.00
N VAL A 58 19.40 -5.79 7.56
CA VAL A 58 18.99 -5.57 6.18
C VAL A 58 20.04 -6.18 5.26
N ILE A 59 19.59 -6.96 4.29
CA ILE A 59 20.45 -7.49 3.23
C ILE A 59 19.78 -7.14 1.91
N ALA A 60 20.33 -6.15 1.21
CA ALA A 60 19.64 -5.49 0.12
C ALA A 60 20.42 -5.65 -1.18
N VAL A 61 19.71 -5.39 -2.28
CA VAL A 61 20.27 -5.53 -3.63
C VAL A 61 19.43 -4.66 -4.56
N ASP A 62 20.02 -4.29 -5.71
CA ASP A 62 19.32 -3.59 -6.80
C ASP A 62 18.89 -4.60 -7.85
N GLN A 63 17.79 -5.32 -7.60
CA GLN A 63 17.31 -6.30 -8.57
C GLN A 63 16.09 -5.72 -9.29
N GLU A 64 16.36 -4.84 -10.25
CA GLU A 64 15.30 -4.11 -10.95
C GLU A 64 14.79 -4.85 -12.18
N GLY A 65 15.64 -5.57 -12.87
CA GLY A 65 15.32 -6.04 -14.20
C GLY A 65 16.13 -5.30 -15.25
N GLY A 66 16.22 -5.93 -16.42
CA GLY A 66 16.93 -5.32 -17.52
C GLY A 66 18.40 -5.12 -17.23
N ARG A 67 18.86 -3.87 -17.28
CA ARG A 67 20.27 -3.57 -17.12
C ARG A 67 20.69 -3.42 -15.67
N VAL A 68 19.76 -3.47 -14.72
CA VAL A 68 20.08 -3.40 -13.29
C VAL A 68 19.61 -4.72 -12.70
N VAL A 69 20.47 -5.72 -12.78
CA VAL A 69 20.26 -7.09 -12.31
C VAL A 69 21.60 -7.55 -11.77
N ARG A 70 21.59 -8.22 -10.62
CA ARG A 70 22.84 -8.62 -9.98
C ARG A 70 23.05 -10.14 -10.00
N THR A 71 22.19 -10.89 -10.69
CA THR A 71 22.17 -12.34 -10.59
C THR A 71 22.57 -13.03 -11.89
N ALA A 72 23.28 -12.34 -12.78
CA ALA A 72 23.62 -12.95 -14.06
C ALA A 72 24.51 -14.18 -13.88
N SER A 73 25.37 -14.20 -12.86
CA SER A 73 26.24 -15.34 -12.65
C SER A 73 25.48 -16.59 -12.23
N LEU A 74 24.24 -16.42 -11.75
CA LEU A 74 23.36 -17.54 -11.43
C LEU A 74 22.52 -17.96 -12.63
N GLY A 75 22.61 -17.26 -13.75
CA GLY A 75 21.73 -17.50 -14.86
C GLY A 75 20.35 -16.90 -14.72
N LEU A 76 20.13 -16.01 -13.76
CA LEU A 76 18.80 -15.45 -13.49
C LEU A 76 18.74 -14.04 -14.08
N ASN A 77 18.11 -13.93 -15.24
CA ASN A 77 17.92 -12.66 -15.91
C ASN A 77 16.44 -12.28 -15.85
N LEU A 78 16.18 -10.97 -15.95
CA LEU A 78 14.84 -10.44 -15.82
C LEU A 78 14.64 -9.31 -16.83
N PRO A 79 13.42 -9.16 -17.36
CA PRO A 79 13.19 -8.07 -18.31
C PRO A 79 13.17 -6.72 -17.61
N SER A 80 13.39 -5.68 -18.39
CA SER A 80 13.36 -4.33 -17.84
C SER A 80 11.93 -3.91 -17.51
N PRO A 81 11.76 -3.06 -16.49
CA PRO A 81 10.44 -2.46 -16.27
C PRO A 81 9.85 -1.79 -17.50
N ALA A 82 10.66 -1.04 -18.26
CA ALA A 82 10.13 -0.34 -19.42
C ALA A 82 9.61 -1.33 -20.46
N SER A 83 10.27 -2.46 -20.62
CA SER A 83 9.82 -3.45 -21.60
C SER A 83 8.49 -4.07 -21.18
N LEU A 84 8.30 -4.31 -19.87
CA LEU A 84 7.01 -4.82 -19.45
C LEU A 84 5.92 -3.75 -19.55
N ALA A 85 6.29 -2.48 -19.38
CA ALA A 85 5.34 -1.39 -19.60
C ALA A 85 4.94 -1.30 -21.07
N ARG A 86 5.91 -1.42 -21.99
CA ARG A 86 5.59 -1.44 -23.42
C ARG A 86 4.75 -2.65 -23.80
N LEU A 87 5.06 -3.80 -23.20
CA LEU A 87 4.29 -5.01 -23.44
C LEU A 87 2.82 -4.83 -23.04
N GLY A 88 2.56 -3.98 -22.02
CA GLY A 88 1.22 -3.82 -21.50
C GLY A 88 0.69 -4.98 -20.69
N SER A 89 1.51 -6.01 -20.44
CA SER A 89 1.04 -7.19 -19.71
C SER A 89 0.97 -6.90 -18.22
N VAL A 90 -0.24 -6.95 -17.67
CA VAL A 90 -0.41 -6.81 -16.22
C VAL A 90 0.17 -8.02 -15.51
N GLY A 91 -0.12 -9.22 -16.02
CA GLY A 91 0.43 -10.42 -15.42
C GLY A 91 1.94 -10.44 -15.44
N GLY A 92 2.56 -9.83 -16.44
CA GLY A 92 4.01 -9.77 -16.50
C GLY A 92 4.61 -8.94 -15.40
N ILE A 93 3.90 -7.87 -14.98
CA ILE A 93 4.40 -7.04 -13.88
C ILE A 93 4.27 -7.79 -12.56
N VAL A 94 3.10 -8.40 -12.33
CA VAL A 94 2.91 -9.26 -11.16
C VAL A 94 4.04 -10.28 -11.06
N GLU A 95 4.33 -10.97 -12.18
CA GLU A 95 5.33 -12.03 -12.17
C GLU A 95 6.74 -11.49 -11.92
N LEU A 96 7.07 -10.30 -12.42
CA LEU A 96 8.37 -9.72 -12.10
C LEU A 96 8.52 -9.53 -10.59
N GLY A 97 7.46 -9.04 -9.94
CA GLY A 97 7.51 -8.89 -8.50
C GLY A 97 7.53 -10.22 -7.77
N ALA A 98 6.68 -11.15 -8.19
CA ALA A 98 6.61 -12.46 -7.53
C ALA A 98 7.91 -13.24 -7.71
N VAL A 99 8.46 -13.24 -8.92
CA VAL A 99 9.68 -14.01 -9.17
C VAL A 99 10.88 -13.37 -8.49
N THR A 100 10.95 -12.04 -8.53
CA THR A 100 12.03 -11.37 -7.82
C THR A 100 11.99 -11.71 -6.33
N ALA A 101 10.80 -11.62 -5.73
CA ALA A 101 10.70 -11.93 -4.30
C ALA A 101 11.11 -13.37 -4.01
N LEU A 102 10.63 -14.32 -4.81
CA LEU A 102 10.95 -15.72 -4.58
C LEU A 102 12.45 -15.97 -4.68
N ALA A 103 13.10 -15.41 -5.70
CA ALA A 103 14.53 -15.68 -5.90
C ALA A 103 15.38 -15.00 -4.84
N LEU A 104 15.08 -13.74 -4.51
CA LEU A 104 15.85 -13.06 -3.47
C LEU A 104 15.68 -13.77 -2.13
N ARG A 105 14.47 -14.23 -1.84
CA ARG A 105 14.24 -14.93 -0.57
C ARG A 105 15.03 -16.24 -0.53
N TYR A 106 15.13 -16.94 -1.66
CA TYR A 106 15.92 -18.16 -1.66
C TYR A 106 17.40 -17.87 -1.46
N LEU A 107 17.86 -16.69 -1.88
CA LEU A 107 19.25 -16.29 -1.66
C LEU A 107 19.51 -15.70 -0.27
N GLY A 108 18.47 -15.47 0.52
CA GLY A 108 18.68 -14.81 1.80
C GLY A 108 18.77 -13.32 1.73
N VAL A 109 18.32 -12.73 0.65
CA VAL A 109 18.17 -11.28 0.52
C VAL A 109 16.80 -10.92 1.07
N ASN A 110 16.72 -9.80 1.79
CA ASN A 110 15.45 -9.46 2.42
C ASN A 110 14.90 -8.10 2.02
N LEU A 111 15.64 -7.30 1.27
CA LEU A 111 15.14 -6.01 0.77
C LEU A 111 15.64 -5.79 -0.65
N ASN A 112 14.77 -5.24 -1.50
CA ASN A 112 15.09 -4.94 -2.88
C ASN A 112 14.95 -3.43 -3.08
N PHE A 113 15.97 -2.81 -3.66
CA PHE A 113 15.91 -1.37 -3.95
C PHE A 113 15.11 -1.16 -5.24
N ALA A 114 13.80 -1.38 -5.10
CA ALA A 114 12.84 -1.19 -6.18
C ALA A 114 11.44 -1.13 -5.56
N PRO A 115 10.46 -0.50 -6.25
CA PRO A 115 10.47 0.05 -7.61
C PRO A 115 11.16 1.40 -7.77
N VAL A 116 11.79 1.58 -8.93
CA VAL A 116 12.09 2.92 -9.42
C VAL A 116 10.77 3.63 -9.69
N LEU A 117 10.55 4.76 -9.04
CA LEU A 117 9.36 5.57 -9.26
C LEU A 117 9.67 6.85 -10.03
N ASP A 118 10.88 6.98 -10.55
CA ASP A 118 11.20 8.08 -11.44
C ASP A 118 10.32 8.00 -12.69
N ILE A 119 9.96 9.18 -13.21
CA ILE A 119 9.13 9.29 -14.40
C ILE A 119 10.02 9.58 -15.59
N CYS A 120 9.82 8.87 -16.68
CA CYS A 120 10.57 9.15 -17.90
C CYS A 120 9.72 10.12 -18.72
N HIS A 121 9.85 11.41 -18.42
CA HIS A 121 8.94 12.41 -18.97
C HIS A 121 9.04 12.49 -20.48
N ASP A 122 10.25 12.49 -21.03
CA ASP A 122 10.46 12.57 -22.46
C ASP A 122 11.44 11.48 -22.89
N PRO A 123 11.20 10.86 -24.06
CA PRO A 123 12.14 9.84 -24.54
C PRO A 123 13.46 10.44 -25.00
N SER A 124 13.65 11.74 -24.74
CA SER A 124 14.89 12.43 -25.08
C SER A 124 15.76 12.69 -23.85
N ALA A 125 15.29 12.35 -22.66
CA ALA A 125 16.01 12.68 -21.43
C ALA A 125 17.18 11.74 -21.23
N ALA A 126 17.81 11.83 -20.06
CA ALA A 126 19.00 11.03 -19.76
C ALA A 126 18.66 9.54 -19.74
N ASN A 127 19.48 8.75 -20.43
CA ASN A 127 19.28 7.32 -20.57
C ASN A 127 20.57 6.58 -20.27
N ALA A 128 21.29 7.00 -19.22
CA ALA A 128 22.54 6.36 -18.83
C ALA A 128 22.35 4.85 -18.66
N LEU A 129 21.39 4.47 -17.81
CA LEU A 129 20.86 3.11 -17.78
C LEU A 129 19.42 3.16 -18.28
N PRO A 130 19.15 2.73 -19.51
CA PRO A 130 17.80 2.82 -20.04
C PRO A 130 16.92 1.67 -19.57
N GLY A 131 15.61 1.94 -19.59
CA GLY A 131 14.62 0.92 -19.29
C GLY A 131 14.23 0.77 -17.84
N ARG A 132 14.70 1.65 -16.96
CA ARG A 132 14.43 1.52 -15.53
C ARG A 132 13.09 2.10 -15.10
N CYS A 133 12.45 2.89 -15.96
CA CYS A 133 11.22 3.59 -15.59
C CYS A 133 9.98 2.79 -16.00
N TRP A 134 8.96 2.88 -15.16
CA TRP A 134 7.70 2.18 -15.39
C TRP A 134 6.73 2.94 -16.30
N GLY A 135 7.01 4.18 -16.64
CA GLY A 135 6.07 4.95 -17.46
C GLY A 135 6.54 6.37 -17.64
N ASP A 136 5.78 7.11 -18.46
CA ASP A 136 6.14 8.49 -18.80
C ASP A 136 5.25 9.51 -18.10
N ASN A 137 4.44 9.09 -17.14
CA ASN A 137 3.63 9.99 -16.34
C ASN A 137 3.42 9.35 -14.97
N ALA A 138 3.08 10.18 -13.98
CA ALA A 138 2.95 9.69 -12.61
C ALA A 138 1.92 8.57 -12.50
N GLN A 139 0.77 8.71 -13.19
CA GLN A 139 -0.33 7.77 -13.02
C GLN A 139 0.03 6.38 -13.53
N ASP A 140 0.70 6.28 -14.69
CA ASP A 140 1.19 5.00 -15.17
C ASP A 140 2.26 4.41 -14.25
N VAL A 141 3.15 5.26 -13.73
CA VAL A 141 4.18 4.78 -12.81
C VAL A 141 3.55 4.24 -11.54
N ILE A 142 2.54 4.95 -11.02
CA ILE A 142 1.86 4.51 -9.81
C ILE A 142 1.16 3.19 -10.02
N SER A 143 0.46 3.05 -11.16
CA SER A 143 -0.25 1.81 -11.45
C SER A 143 0.72 0.65 -11.60
N ARG A 144 1.73 0.81 -12.45
CA ARG A 144 2.65 -0.31 -12.71
C ARG A 144 3.58 -0.55 -11.55
N GLY A 145 4.18 0.53 -11.01
CA GLY A 145 5.06 0.37 -9.86
C GLY A 145 4.33 -0.12 -8.63
N GLY A 146 3.05 0.25 -8.49
CA GLY A 146 2.26 -0.24 -7.37
C GLY A 146 1.96 -1.72 -7.45
N VAL A 147 1.61 -2.20 -8.65
CA VAL A 147 1.43 -3.63 -8.85
C VAL A 147 2.72 -4.37 -8.57
N TYR A 148 3.85 -3.82 -9.03
CA TYR A 148 5.13 -4.46 -8.76
C TYR A 148 5.40 -4.52 -7.26
N ALA A 149 5.31 -3.39 -6.59
CA ALA A 149 5.69 -3.34 -5.17
C ALA A 149 4.78 -4.23 -4.35
N SER A 150 3.50 -4.30 -4.71
CA SER A 150 2.56 -5.13 -3.97
C SER A 150 2.98 -6.59 -4.00
N ASN A 151 3.41 -7.08 -5.17
CA ASN A 151 3.72 -8.50 -5.30
C ASN A 151 5.14 -8.84 -4.88
N LEU A 152 6.05 -7.88 -4.91
CA LEU A 152 7.33 -8.07 -4.24
C LEU A 152 7.12 -8.27 -2.74
N ARG A 153 6.32 -7.40 -2.11
CA ARG A 153 6.12 -7.50 -0.67
C ARG A 153 5.25 -8.69 -0.29
N ARG A 154 4.26 -9.02 -1.14
CA ARG A 154 3.47 -10.22 -0.94
C ARG A 154 4.35 -11.45 -0.80
N GLY A 155 5.48 -11.49 -1.53
CA GLY A 155 6.43 -12.58 -1.44
C GLY A 155 7.38 -12.48 -0.28
N GLY A 156 7.28 -11.45 0.55
CA GLY A 156 8.05 -11.35 1.77
C GLY A 156 9.32 -10.54 1.69
N VAL A 157 9.56 -9.82 0.59
CA VAL A 157 10.77 -9.03 0.42
C VAL A 157 10.38 -7.56 0.49
N GLN A 158 11.14 -6.78 1.27
CA GLN A 158 10.79 -5.38 1.45
C GLN A 158 11.12 -4.57 0.20
N SER A 159 10.34 -3.51 -0.01
CA SER A 159 10.48 -2.64 -1.17
C SER A 159 11.14 -1.32 -0.79
N CYS A 160 11.59 -0.60 -1.81
CA CYS A 160 12.16 0.73 -1.62
C CYS A 160 11.85 1.58 -2.83
N GLY A 161 11.07 2.65 -2.63
CA GLY A 161 10.81 3.60 -3.71
C GLY A 161 11.98 4.54 -3.91
N LYS A 162 12.40 4.72 -5.15
CA LYS A 162 13.56 5.54 -5.46
C LYS A 162 13.34 6.17 -6.82
N HIS A 163 13.98 7.32 -7.07
CA HIS A 163 14.81 8.07 -6.13
C HIS A 163 14.12 9.38 -5.75
N PHE A 164 13.79 9.54 -4.47
CA PHE A 164 13.20 10.79 -4.00
C PHE A 164 14.18 11.95 -4.21
N PRO A 165 13.71 13.11 -4.69
CA PRO A 165 12.31 13.47 -4.93
C PRO A 165 11.79 13.22 -6.35
N GLY A 166 12.48 12.39 -7.14
CA GLY A 166 12.03 12.14 -8.48
C GLY A 166 13.05 12.53 -9.54
N MET A 167 13.84 11.55 -9.97
CA MET A 167 14.96 11.82 -10.86
C MET A 167 14.54 12.21 -12.27
N GLY A 168 13.29 11.94 -12.66
CA GLY A 168 12.88 12.21 -14.02
C GLY A 168 13.01 13.68 -14.40
N ARG A 169 12.87 14.58 -13.42
CA ARG A 169 12.95 16.02 -13.67
C ARG A 169 14.34 16.60 -13.46
N ALA A 170 15.30 15.81 -12.96
CA ALA A 170 16.59 16.35 -12.59
C ALA A 170 17.41 16.69 -13.84
N LEU A 171 18.00 17.87 -13.86
CA LEU A 171 18.74 18.37 -15.01
C LEU A 171 20.13 18.83 -14.59
N ALA A 172 21.06 18.78 -15.53
CA ALA A 172 22.35 19.39 -15.32
C ALA A 172 22.20 20.91 -15.24
N ASP A 173 23.03 21.53 -14.41
CA ASP A 173 22.97 22.97 -14.23
C ASP A 173 24.37 23.52 -14.03
N PRO A 174 24.88 24.34 -14.96
CA PRO A 174 26.27 24.82 -14.86
C PRO A 174 26.53 25.67 -13.62
N HIS A 175 25.49 25.97 -12.85
CA HIS A 175 25.61 26.73 -11.61
C HIS A 175 25.71 25.84 -10.38
N PHE A 176 25.76 24.52 -10.55
CA PHE A 176 25.73 23.59 -9.43
C PHE A 176 26.53 22.35 -9.79
N SER A 177 27.03 21.67 -8.75
CA SER A 177 27.81 20.45 -8.97
C SER A 177 26.91 19.25 -9.24
N LEU A 178 25.83 19.12 -8.49
CA LEU A 178 24.91 18.00 -8.57
C LEU A 178 23.77 18.31 -9.52
N PRO A 179 23.01 17.29 -9.97
CA PRO A 179 21.81 17.57 -10.76
C PRO A 179 20.84 18.42 -9.96
N VAL A 180 19.99 19.16 -10.68
CA VAL A 180 19.12 20.16 -10.08
C VAL A 180 17.69 19.94 -10.55
N ILE A 181 16.74 20.04 -9.62
CA ILE A 181 15.33 20.11 -9.92
C ILE A 181 14.85 21.51 -9.55
N GLY A 182 14.47 22.30 -10.56
CA GLY A 182 14.01 23.65 -10.34
C GLY A 182 12.52 23.82 -10.21
N LEU A 183 11.76 22.73 -10.23
CA LEU A 183 10.31 22.81 -10.15
C LEU A 183 9.86 23.34 -8.79
N ASP A 184 8.74 24.05 -8.81
CA ASP A 184 8.06 24.43 -7.58
C ASP A 184 7.51 23.18 -6.89
N GLU A 185 7.42 23.25 -5.56
CA GLU A 185 6.94 22.12 -4.79
C GLU A 185 5.51 21.73 -5.17
N ARG A 186 4.64 22.73 -5.38
CA ARG A 186 3.27 22.42 -5.76
C ARG A 186 3.22 21.61 -7.04
N GLU A 187 4.00 22.00 -8.05
CA GLU A 187 4.02 21.23 -9.29
C GLU A 187 4.64 19.86 -9.07
N LEU A 188 5.63 19.76 -8.17
CA LEU A 188 6.24 18.48 -7.86
C LEU A 188 5.23 17.51 -7.25
N PHE A 189 4.37 17.99 -6.35
CA PHE A 189 3.39 17.10 -5.74
C PHE A 189 2.33 16.64 -6.71
N LYS A 190 2.16 17.34 -7.83
CA LYS A 190 1.23 16.90 -8.86
C LYS A 190 1.87 15.90 -9.81
N THR A 191 3.20 15.83 -9.85
CA THR A 191 3.92 15.02 -10.81
C THR A 191 4.94 14.10 -10.14
N ASP A 192 6.21 14.52 -10.04
CA ASP A 192 7.28 13.58 -9.71
C ASP A 192 7.21 13.08 -8.28
N LEU A 193 6.68 13.87 -7.35
CA LEU A 193 6.50 13.41 -5.98
C LEU A 193 5.25 12.56 -5.80
N LEU A 194 4.32 12.59 -6.75
CA LEU A 194 3.06 11.88 -6.57
C LEU A 194 3.21 10.38 -6.39
N PRO A 195 4.06 9.66 -7.14
CA PRO A 195 4.18 8.22 -6.89
C PRO A 195 4.62 7.88 -5.47
N PHE A 196 5.46 8.70 -4.86
CA PHE A 196 5.86 8.40 -3.48
C PHE A 196 4.70 8.59 -2.53
N LEU A 197 3.88 9.62 -2.73
CA LEU A 197 2.71 9.85 -1.88
C LEU A 197 1.67 8.75 -2.08
N ALA A 198 1.36 8.42 -3.34
CA ALA A 198 0.30 7.46 -3.62
C ALA A 198 0.65 6.04 -3.18
N LEU A 199 1.95 5.72 -3.08
CA LEU A 199 2.37 4.35 -2.83
C LEU A 199 2.96 4.13 -1.43
N CYS A 200 2.83 5.10 -0.52
CA CYS A 200 3.36 4.93 0.83
C CYS A 200 3.01 3.59 1.48
N PRO A 201 1.77 3.08 1.41
CA PRO A 201 1.48 1.78 2.03
C PRO A 201 2.25 0.63 1.41
N ALA A 202 2.65 0.74 0.14
CA ALA A 202 3.37 -0.33 -0.52
C ALA A 202 4.89 -0.19 -0.42
N LEU A 203 5.39 0.89 0.17
CA LEU A 203 6.82 1.18 0.20
C LEU A 203 7.35 0.93 1.61
N SER A 204 8.14 -0.14 1.78
CA SER A 204 8.82 -0.37 3.05
C SER A 204 9.79 0.74 3.37
N SER A 205 10.35 1.38 2.35
CA SER A 205 11.38 2.39 2.52
C SER A 205 11.38 3.26 1.29
N ILE A 206 12.17 4.33 1.37
CA ILE A 206 12.39 5.26 0.27
C ILE A 206 13.87 5.59 0.24
N MET A 207 14.44 5.71 -0.96
CA MET A 207 15.82 6.14 -1.11
C MET A 207 15.85 7.54 -1.70
N SER A 208 16.63 8.42 -1.08
CA SER A 208 16.77 9.79 -1.54
C SER A 208 18.02 9.91 -2.41
N ALA A 209 17.93 10.73 -3.45
CA ALA A 209 19.06 10.95 -4.35
C ALA A 209 19.79 12.24 -3.99
N HIS A 210 21.01 12.37 -4.51
CA HIS A 210 21.83 13.56 -4.27
C HIS A 210 21.48 14.64 -5.30
N ILE A 211 20.30 15.23 -5.11
CA ILE A 211 19.74 16.19 -6.05
C ILE A 211 19.53 17.50 -5.31
N MET A 212 19.82 18.62 -5.99
CA MET A 212 19.55 19.94 -5.45
C MET A 212 18.11 20.34 -5.75
N LEU A 213 17.39 20.76 -4.71
CA LEU A 213 16.09 21.40 -4.83
C LEU A 213 16.22 22.86 -4.40
N PRO A 214 16.72 23.74 -5.27
CA PRO A 214 17.15 25.07 -4.80
C PRO A 214 16.02 25.91 -4.21
N GLN A 215 14.80 25.76 -4.69
CA GLN A 215 13.71 26.54 -4.11
C GLN A 215 13.32 26.06 -2.71
N ILE A 216 13.86 24.93 -2.26
CA ILE A 216 13.62 24.43 -0.92
C ILE A 216 14.88 24.54 -0.05
N ASP A 217 16.05 24.28 -0.64
CA ASP A 217 17.33 24.36 0.05
C ASP A 217 18.44 24.49 -0.98
N PRO A 218 19.06 25.67 -1.10
CA PRO A 218 20.10 25.88 -2.11
C PRO A 218 21.51 25.48 -1.68
N ASP A 219 21.70 25.06 -0.43
CA ASP A 219 23.04 24.75 0.06
C ASP A 219 23.34 23.26 0.17
N TYR A 220 22.32 22.43 0.42
CA TYR A 220 22.56 21.01 0.58
C TYR A 220 21.66 20.21 -0.34
N PRO A 221 22.18 19.16 -0.96
CA PRO A 221 21.32 18.25 -1.74
C PRO A 221 20.30 17.57 -0.84
N ALA A 222 19.29 16.98 -1.49
CA ALA A 222 18.17 16.39 -0.77
C ALA A 222 18.61 15.46 0.36
N THR A 223 19.58 14.59 0.10
CA THR A 223 20.00 13.61 1.10
C THR A 223 20.61 14.26 2.33
N LEU A 224 21.12 15.49 2.21
CA LEU A 224 21.78 16.16 3.32
C LEU A 224 21.03 17.39 3.80
N SER A 225 19.80 17.59 3.32
CA SER A 225 19.01 18.77 3.65
C SER A 225 17.91 18.42 4.64
N GLU A 226 17.97 19.03 5.83
CA GLU A 226 16.89 18.86 6.80
C GLU A 226 15.56 19.36 6.25
N ARG A 227 15.61 20.42 5.44
CA ARG A 227 14.36 20.99 4.92
C ARG A 227 13.72 20.08 3.89
N VAL A 228 14.53 19.37 3.09
CA VAL A 228 13.95 18.45 2.12
C VAL A 228 13.47 17.18 2.83
N ILE A 229 14.29 16.62 3.71
CA ILE A 229 13.98 15.32 4.31
C ILE A 229 12.94 15.48 5.41
N ARG A 230 13.22 16.33 6.40
CA ARG A 230 12.26 16.48 7.50
C ARG A 230 11.05 17.30 7.06
N GLY A 231 11.26 18.30 6.21
CA GLY A 231 10.16 19.14 5.78
C GLY A 231 9.33 18.50 4.70
N LEU A 232 9.93 18.28 3.53
CA LEU A 232 9.17 17.78 2.40
C LEU A 232 8.79 16.31 2.58
N LEU A 233 9.76 15.46 2.91
CA LEU A 233 9.50 14.02 2.91
C LEU A 233 8.70 13.59 4.14
N ARG A 234 9.12 14.00 5.33
CA ARG A 234 8.47 13.54 6.56
C ARG A 234 7.19 14.30 6.84
N ASP A 235 7.22 15.63 6.72
CA ASP A 235 6.07 16.41 7.13
C ASP A 235 5.01 16.50 6.03
N ARG A 236 5.39 16.92 4.83
CA ARG A 236 4.40 17.20 3.80
C ARG A 236 4.06 15.97 2.96
N LEU A 237 5.03 15.11 2.65
CA LEU A 237 4.67 13.83 2.04
C LEU A 237 4.22 12.82 3.09
N GLY A 238 4.66 12.98 4.34
CA GLY A 238 4.17 12.15 5.42
C GLY A 238 4.76 10.75 5.53
N PHE A 239 5.91 10.49 4.91
CA PHE A 239 6.47 9.15 4.91
C PHE A 239 7.10 8.82 6.26
N ARG A 240 6.67 7.71 6.86
CA ARG A 240 7.08 7.33 8.20
C ARG A 240 8.09 6.18 8.20
N GLY A 241 8.44 5.64 7.03
CA GLY A 241 9.33 4.51 6.93
C GLY A 241 10.79 4.90 6.88
N VAL A 242 11.63 3.88 6.64
CA VAL A 242 13.07 4.07 6.60
C VAL A 242 13.47 4.82 5.35
N VAL A 243 14.35 5.82 5.50
CA VAL A 243 14.89 6.59 4.39
C VAL A 243 16.35 6.19 4.20
N PHE A 244 16.66 5.68 3.01
CA PHE A 244 18.02 5.40 2.58
C PHE A 244 18.56 6.58 1.79
N THR A 245 19.89 6.72 1.79
CA THR A 245 20.53 7.62 0.83
C THR A 245 21.06 6.82 -0.34
N ASP A 246 21.25 7.50 -1.46
CA ASP A 246 22.03 6.92 -2.54
C ASP A 246 23.49 6.76 -2.08
N ASP A 247 24.26 6.01 -2.84
CA ASP A 247 25.64 5.71 -2.45
C ASP A 247 26.43 7.00 -2.19
N LEU A 248 27.13 7.03 -1.07
CA LEU A 248 27.98 8.18 -0.74
C LEU A 248 29.40 8.02 -1.24
N CYS A 249 29.75 6.87 -1.83
CA CYS A 249 31.13 6.54 -2.19
C CYS A 249 31.49 6.86 -3.63
N MET A 250 30.51 7.03 -4.52
CA MET A 250 30.76 7.31 -5.92
C MET A 250 29.94 8.51 -6.34
N GLY A 251 30.36 9.13 -7.45
CA GLY A 251 29.61 10.23 -8.04
C GLY A 251 30.04 11.60 -7.57
N ALA A 252 29.31 12.60 -8.04
CA ALA A 252 29.66 13.99 -7.75
C ALA A 252 29.53 14.31 -6.26
N ILE A 253 28.79 13.51 -5.51
CA ILE A 253 28.65 13.75 -4.07
C ILE A 253 30.00 13.65 -3.38
N THR A 254 30.92 12.86 -3.93
CA THR A 254 32.22 12.67 -3.29
CA THR A 254 32.22 12.66 -3.31
C THR A 254 33.15 13.85 -3.49
N THR A 255 32.93 14.67 -4.53
CA THR A 255 33.74 15.86 -4.74
C THR A 255 33.42 16.98 -3.77
N GLN A 256 32.42 16.81 -2.92
CA GLN A 256 32.04 17.82 -1.93
C GLN A 256 32.10 17.32 -0.50
N TYR A 257 31.90 16.03 -0.26
CA TYR A 257 31.95 15.47 1.08
C TYR A 257 32.63 14.11 1.03
N SER A 258 33.40 13.80 2.07
CA SER A 258 33.84 12.44 2.25
C SER A 258 32.69 11.62 2.80
N PRO A 259 32.70 10.30 2.61
CA PRO A 259 31.52 9.50 2.99
C PRO A 259 31.17 9.54 4.46
N ASP A 260 32.15 9.71 5.35
CA ASP A 260 31.84 9.74 6.77
C ASP A 260 31.11 11.03 7.14
N ASP A 261 31.57 12.17 6.63
CA ASP A 261 30.87 13.42 6.87
C ASP A 261 29.50 13.40 6.20
N ALA A 262 29.42 12.86 4.99
CA ALA A 262 28.14 12.81 4.27
C ALA A 262 27.12 11.96 5.02
N ALA A 263 27.54 10.78 5.51
CA ALA A 263 26.62 9.92 6.24
C ALA A 263 26.10 10.61 7.50
N PHE A 264 26.99 11.24 8.25
CA PHE A 264 26.56 11.96 9.45
C PHE A 264 25.58 13.08 9.09
N LEU A 265 25.89 13.84 8.05
CA LEU A 265 24.98 14.91 7.65
C LEU A 265 23.62 14.36 7.26
N SER A 266 23.59 13.21 6.60
CA SER A 266 22.30 12.68 6.17
C SER A 266 21.47 12.21 7.37
N LEU A 267 22.12 11.65 8.38
CA LEU A 267 21.42 11.29 9.62
C LEU A 267 20.86 12.53 10.30
N LYS A 268 21.66 13.59 10.37
CA LYS A 268 21.19 14.83 10.96
C LYS A 268 20.03 15.40 10.17
N ALA A 269 20.07 15.30 8.85
CA ALA A 269 19.00 15.77 7.99
C ALA A 269 17.71 14.95 8.14
N GLY A 270 17.78 13.77 8.74
CA GLY A 270 16.62 12.94 8.97
C GLY A 270 16.57 11.65 8.18
N CYS A 271 17.60 11.33 7.41
CA CYS A 271 17.70 10.00 6.84
C CYS A 271 18.04 8.99 7.93
N ASP A 272 17.73 7.73 7.67
CA ASP A 272 17.94 6.68 8.67
C ASP A 272 19.16 5.83 8.39
N LEU A 273 19.41 5.47 7.12
CA LEU A 273 20.48 4.53 6.79
C LEU A 273 21.22 5.01 5.54
N PRO A 274 22.27 5.82 5.72
CA PRO A 274 23.12 6.16 4.58
C PRO A 274 23.79 4.92 4.00
N LEU A 275 24.08 4.98 2.70
CA LEU A 275 24.67 3.86 1.97
C LEU A 275 26.15 4.13 1.77
N ILE A 276 26.98 3.20 2.23
CA ILE A 276 28.43 3.30 2.09
C ILE A 276 28.85 2.02 1.37
N CYS A 277 28.79 2.05 0.04
CA CYS A 277 28.76 0.84 -0.77
C CYS A 277 30.14 0.27 -1.09
N HIS A 278 31.14 1.13 -1.28
CA HIS A 278 32.39 0.72 -1.89
C HIS A 278 33.56 1.15 -1.01
N ASP A 279 34.37 0.19 -0.60
CA ASP A 279 35.48 0.43 0.33
C ASP A 279 35.00 1.18 1.58
N PRO A 280 34.07 0.60 2.35
CA PRO A 280 33.43 1.37 3.43
C PRO A 280 34.28 1.50 4.68
N LEU A 281 35.15 0.51 4.92
CA LEU A 281 35.81 0.40 6.23
C LEU A 281 36.56 1.65 6.68
N PRO A 282 37.31 2.37 5.82
CA PRO A 282 37.96 3.60 6.30
C PRO A 282 37.00 4.61 6.91
N TRP A 283 35.71 4.56 6.59
CA TRP A 283 34.78 5.63 6.94
C TRP A 283 33.95 5.35 8.18
N LEU A 284 33.91 4.11 8.68
CA LEU A 284 32.87 3.73 9.62
C LEU A 284 33.13 4.27 11.03
N ASP A 285 34.38 4.24 11.50
CA ASP A 285 34.66 4.65 12.87
C ASP A 285 34.40 6.13 13.08
N GLY A 286 34.76 6.96 12.10
CA GLY A 286 34.41 8.38 12.19
C GLY A 286 32.91 8.60 12.28
N LEU A 287 32.13 7.77 11.57
CA LEU A 287 30.67 7.87 11.65
C LEU A 287 30.17 7.43 13.01
N ALA A 288 30.63 6.27 13.50
CA ALA A 288 30.20 5.77 14.80
C ALA A 288 30.54 6.74 15.91
N SER A 289 31.61 7.51 15.78
CA SER A 289 31.94 8.48 16.81
C SER A 289 31.08 9.73 16.68
N ARG A 290 30.94 10.26 15.47
CA ARG A 290 30.13 11.47 15.27
C ARG A 290 28.67 11.26 15.64
N GLN A 291 28.18 10.02 15.64
CA GLN A 291 26.74 9.81 15.80
C GLN A 291 26.28 10.06 17.24
N GLU A 292 27.20 10.07 18.20
CA GLU A 292 26.83 10.43 19.57
C GLU A 292 26.52 11.92 19.72
N SER A 293 26.87 12.72 18.72
CA SER A 293 26.58 14.15 18.71
C SER A 293 25.23 14.49 18.10
N LEU A 294 24.41 13.50 17.79
CA LEU A 294 23.10 13.74 17.23
C LEU A 294 22.08 13.92 18.33
N ASN A 295 21.01 14.67 18.02
CA ASN A 295 19.92 14.84 18.96
C ASN A 295 19.36 13.48 19.37
N ALA A 296 19.32 13.25 20.69
CA ALA A 296 18.97 11.93 21.19
C ALA A 296 17.54 11.54 20.83
N TYR A 297 16.64 12.51 20.73
CA TYR A 297 15.26 12.18 20.37
C TYR A 297 15.14 11.82 18.90
N ASP A 298 15.82 12.58 18.03
CA ASP A 298 15.88 12.22 16.62
C ASP A 298 16.50 10.85 16.42
N ARG A 299 17.58 10.55 17.16
CA ARG A 299 18.18 9.23 17.09
C ARG A 299 17.19 8.15 17.51
N TRP A 300 16.41 8.41 18.57
CA TRP A 300 15.41 7.45 18.99
C TRP A 300 14.32 7.26 17.93
N ASP A 301 13.87 8.36 17.33
CA ASP A 301 12.88 8.26 16.25
C ASP A 301 13.39 7.40 15.10
N SER A 302 14.62 7.68 14.66
CA SER A 302 15.20 6.93 13.55
C SER A 302 15.42 5.47 13.90
N PHE A 303 15.85 5.19 15.14
CA PHE A 303 16.07 3.81 15.56
C PHE A 303 14.77 2.99 15.52
N LYS A 304 13.66 3.60 15.95
CA LYS A 304 12.40 2.87 15.91
C LYS A 304 11.96 2.57 14.48
N ARG A 305 12.29 3.46 13.53
CA ARG A 305 11.96 3.17 12.13
C ARG A 305 12.81 2.00 11.63
N VAL A 306 14.11 2.02 11.91
CA VAL A 306 14.99 0.94 11.47
C VAL A 306 14.61 -0.36 12.15
N GLU A 307 14.26 -0.31 13.44
CA GLU A 307 13.83 -1.50 14.15
C GLU A 307 12.54 -2.06 13.57
N LYS A 308 11.63 -1.18 13.13
CA LYS A 308 10.41 -1.66 12.50
C LYS A 308 10.73 -2.38 11.18
N LEU A 309 11.59 -1.79 10.37
CA LEU A 309 12.04 -2.47 9.15
C LEU A 309 12.68 -3.81 9.49
N SER A 310 13.57 -3.83 10.48
CA SER A 310 14.26 -5.06 10.86
C SER A 310 13.27 -6.16 11.24
N ASP A 311 12.22 -5.81 11.99
CA ASP A 311 11.25 -6.80 12.41
C ASP A 311 10.41 -7.35 11.26
N SER A 312 10.35 -6.65 10.13
CA SER A 312 9.58 -7.13 9.00
C SER A 312 10.40 -7.98 8.04
N LEU A 313 11.71 -8.09 8.26
CA LEU A 313 12.57 -8.78 7.31
C LEU A 313 12.31 -10.27 7.36
N CYS A 314 12.38 -10.91 6.19
CA CYS A 314 12.14 -12.34 6.16
CA CYS A 314 12.15 -12.34 5.99
C CYS A 314 13.45 -13.11 6.08
N PHE A 315 13.38 -14.35 6.51
CA PHE A 315 14.53 -15.22 6.49
C PHE A 315 14.51 -16.05 5.20
N PRO A 316 15.65 -16.57 4.76
CA PRO A 316 15.68 -17.33 3.51
C PRO A 316 14.84 -18.60 3.61
N PHE A 317 14.32 -19.01 2.45
CA PHE A 317 13.64 -20.30 2.35
C PHE A 317 14.58 -21.43 2.77
N PRO A 318 14.05 -22.50 3.34
CA PRO A 318 14.88 -23.69 3.57
C PRO A 318 15.38 -24.24 2.24
N GLU A 319 16.56 -24.85 2.28
CA GLU A 319 17.19 -25.37 1.08
C GLU A 319 16.25 -26.34 0.35
N LYS A 320 16.04 -26.09 -0.93
CA LYS A 320 15.17 -26.95 -1.75
C LYS A 320 15.50 -26.66 -3.21
N ALA A 321 16.16 -27.62 -3.88
CA ALA A 321 16.69 -27.34 -5.21
C ALA A 321 15.57 -27.06 -6.21
N SER A 322 14.44 -27.76 -6.10
CA SER A 322 13.37 -27.55 -7.06
C SER A 322 12.78 -26.15 -6.96
N LEU A 323 12.86 -25.54 -5.77
CA LEU A 323 12.39 -24.16 -5.61
C LEU A 323 13.24 -23.21 -6.45
N TRP A 324 14.56 -23.35 -6.38
CA TRP A 324 15.41 -22.49 -7.18
C TRP A 324 15.24 -22.75 -8.67
N ASP A 325 15.06 -24.03 -9.05
CA ASP A 325 14.78 -24.34 -10.45
C ASP A 325 13.54 -23.62 -10.95
N SER A 326 12.49 -23.58 -10.14
CA SER A 326 11.29 -22.85 -10.52
C SER A 326 11.57 -21.35 -10.69
N CYS A 327 12.42 -20.79 -9.83
CA CYS A 327 12.84 -19.40 -10.01
C CYS A 327 13.47 -19.20 -11.38
N LEU A 328 14.42 -20.06 -11.76
CA LEU A 328 15.05 -19.94 -13.06
C LEU A 328 14.03 -20.13 -14.18
N ARG A 329 13.19 -21.16 -14.06
CA ARG A 329 12.19 -21.44 -15.09
C ARG A 329 11.25 -20.26 -15.29
N ARG A 330 10.75 -19.70 -14.20
CA ARG A 330 9.83 -18.58 -14.30
C ARG A 330 10.53 -17.32 -14.78
N ALA A 331 11.78 -17.10 -14.36
CA ALA A 331 12.52 -15.95 -14.85
C ALA A 331 12.76 -16.04 -16.35
N GLU A 332 13.15 -17.22 -16.83
CA GLU A 332 13.36 -17.41 -18.27
C GLU A 332 12.09 -17.15 -19.06
N ALA A 333 10.96 -17.74 -18.62
CA ALA A 333 9.70 -17.53 -19.33
C ALA A 333 9.28 -16.07 -19.32
N LEU A 334 9.61 -15.34 -18.25
CA LEU A 334 9.30 -13.91 -18.20
C LEU A 334 10.10 -13.14 -19.24
N CYS A 335 11.38 -13.48 -19.42
CA CYS A 335 12.15 -12.88 -20.50
C CYS A 335 11.57 -13.24 -21.87
N ARG A 336 11.05 -14.46 -22.01
CA ARG A 336 10.52 -14.90 -23.30
C ARG A 336 9.16 -14.30 -23.58
N LEU A 337 8.35 -14.09 -22.54
CA LEU A 337 7.09 -13.37 -22.70
C LEU A 337 7.34 -12.00 -23.33
N GLU A 338 8.35 -11.30 -22.83
CA GLU A 338 8.66 -9.96 -23.32
C GLU A 338 9.22 -10.01 -24.74
N GLU A 339 10.12 -10.95 -25.00
CA GLU A 339 10.71 -11.07 -26.33
C GLU A 339 9.65 -11.42 -27.38
N ASP A 340 8.72 -12.30 -27.02
CA ASP A 340 7.65 -12.66 -27.96
C ASP A 340 6.68 -11.51 -28.19
N GLY A 341 6.60 -10.56 -27.27
CA GLY A 341 5.72 -9.41 -27.45
C GLY A 341 6.29 -8.30 -28.30
N ARG A 342 7.62 -8.23 -28.42
CA ARG A 342 8.25 -7.24 -29.31
C ARG A 342 7.95 -7.56 -30.76
N MET B 1 -18.69 -16.11 17.25
CA MET B 1 -18.81 -14.93 16.40
C MET B 1 -19.67 -15.23 15.18
N LEU B 2 -20.69 -14.43 14.96
CA LEU B 2 -21.48 -14.56 13.74
C LEU B 2 -20.74 -13.86 12.60
N PRO B 3 -20.52 -14.53 11.47
CA PRO B 3 -19.74 -13.93 10.37
C PRO B 3 -20.58 -13.01 9.48
N ALA B 4 -20.90 -11.83 10.01
CA ALA B 4 -21.71 -10.86 9.28
C ALA B 4 -21.54 -9.50 9.93
N LEU B 5 -21.80 -8.45 9.13
CA LEU B 5 -22.07 -7.11 9.65
C LEU B 5 -23.57 -6.89 9.64
N ILE B 6 -24.11 -6.38 10.74
CA ILE B 6 -25.55 -6.14 10.81
C ILE B 6 -25.78 -4.66 11.06
N GLY B 7 -26.91 -4.18 10.56
CA GLY B 7 -27.30 -2.81 10.79
C GLY B 7 -28.01 -2.63 12.12
N ILE B 8 -28.18 -1.37 12.50
CA ILE B 8 -28.80 -0.99 13.76
C ILE B 8 -29.93 -0.02 13.46
N SER B 9 -31.06 -0.20 14.15
CA SER B 9 -32.26 0.55 13.80
C SER B 9 -32.10 2.04 14.08
N GLY B 10 -31.61 2.41 15.26
CA GLY B 10 -31.67 3.81 15.66
C GLY B 10 -30.51 4.37 16.46
N HIS B 11 -30.79 5.40 17.28
CA HIS B 11 -29.75 6.14 17.97
C HIS B 11 -29.11 5.34 19.11
N GLU B 12 -29.78 4.32 19.61
CA GLU B 12 -29.24 3.42 20.63
C GLU B 12 -29.63 2.01 20.28
N VAL B 13 -28.89 1.05 20.85
CA VAL B 13 -29.18 -0.36 20.63
C VAL B 13 -30.51 -0.70 21.29
N GLY B 14 -31.47 -1.17 20.50
CA GLY B 14 -32.77 -1.59 21.00
C GLY B 14 -32.69 -2.89 21.78
N ALA B 15 -33.84 -3.30 22.31
CA ALA B 15 -33.90 -4.47 23.16
C ALA B 15 -33.68 -5.75 22.36
N GLU B 16 -34.41 -5.91 21.25
CA GLU B 16 -34.21 -7.08 20.41
C GLU B 16 -32.78 -7.15 19.89
N GLU B 17 -32.24 -6.01 19.44
CA GLU B 17 -30.87 -5.98 18.94
C GLU B 17 -29.88 -6.40 20.01
N GLU B 18 -30.02 -5.86 21.22
CA GLU B 18 -29.06 -6.18 22.26
C GLU B 18 -29.06 -7.68 22.60
N ALA B 19 -30.25 -8.27 22.71
CA ALA B 19 -30.34 -9.71 22.97
C ALA B 19 -29.65 -10.50 21.88
N ALA B 20 -29.96 -10.18 20.62
CA ALA B 20 -29.34 -10.90 19.50
C ALA B 20 -27.82 -10.70 19.50
N ILE B 21 -27.36 -9.49 19.84
CA ILE B 21 -25.92 -9.24 19.82
C ILE B 21 -25.22 -10.06 20.89
N ARG B 22 -25.83 -10.17 22.08
CA ARG B 22 -25.23 -10.98 23.15
C ARG B 22 -25.17 -12.44 22.76
N ARG B 23 -26.26 -12.96 22.20
CA ARG B 23 -26.33 -14.39 21.89
C ARG B 23 -25.44 -14.76 20.71
N LEU B 24 -25.43 -13.93 19.66
CA LEU B 24 -24.79 -14.32 18.41
C LEU B 24 -23.41 -13.71 18.19
N GLN B 25 -23.08 -12.58 18.83
CA GLN B 25 -21.76 -11.96 18.73
C GLN B 25 -21.36 -11.65 17.29
N PRO B 26 -22.07 -10.79 16.58
CA PRO B 26 -21.73 -10.55 15.17
C PRO B 26 -20.37 -9.87 15.05
N ALA B 27 -19.70 -10.15 13.92
CA ALA B 27 -18.37 -9.61 13.71
C ALA B 27 -18.37 -8.09 13.78
N GLY B 28 -19.44 -7.44 13.34
CA GLY B 28 -19.49 -6.01 13.41
C GLY B 28 -20.81 -5.42 12.95
N PHE B 29 -20.76 -4.13 12.67
CA PHE B 29 -21.97 -3.34 12.45
C PHE B 29 -21.68 -2.31 11.38
N ILE B 30 -22.68 -2.00 10.58
CA ILE B 30 -22.62 -0.91 9.63
C ILE B 30 -23.64 0.14 10.06
N LEU B 31 -23.21 1.38 10.15
CA LEU B 31 -24.06 2.47 10.59
C LEU B 31 -24.47 3.33 9.39
N PHE B 32 -25.66 3.91 9.49
CA PHE B 32 -26.21 4.79 8.47
C PHE B 32 -26.62 6.10 9.12
N SER B 33 -27.20 7.01 8.33
CA SER B 33 -27.57 8.31 8.87
C SER B 33 -28.54 8.17 10.04
N ARG B 34 -29.39 7.15 10.02
CA ARG B 34 -30.37 6.93 11.08
C ARG B 34 -29.74 6.66 12.44
N ASN B 35 -28.44 6.36 12.49
CA ASN B 35 -27.71 6.08 13.72
C ASN B 35 -26.90 7.27 14.20
N ILE B 36 -26.93 8.38 13.48
CA ILE B 36 -25.98 9.47 13.67
C ILE B 36 -26.78 10.77 13.86
N ASP B 37 -26.85 11.26 15.09
CA ASP B 37 -27.62 12.46 15.39
C ASP B 37 -26.79 13.54 16.07
N SER B 38 -26.02 13.18 17.10
CA SER B 38 -25.11 14.11 17.75
C SER B 38 -23.81 13.38 18.05
N VAL B 39 -22.72 14.15 18.19
CA VAL B 39 -21.43 13.57 18.54
C VAL B 39 -21.55 12.70 19.78
N GLU B 40 -22.20 13.23 20.81
CA GLU B 40 -22.32 12.52 22.08
C GLU B 40 -23.11 11.24 21.91
N GLN B 41 -24.25 11.31 21.23
CA GLN B 41 -25.06 10.12 21.01
C GLN B 41 -24.30 9.06 20.23
N VAL B 42 -23.57 9.46 19.18
CA VAL B 42 -22.86 8.48 18.36
C VAL B 42 -21.78 7.79 19.18
N ARG B 43 -20.96 8.57 19.90
CA ARG B 43 -19.93 7.99 20.74
C ARG B 43 -20.52 7.03 21.77
N GLY B 44 -21.72 7.35 22.26
CA GLY B 44 -22.40 6.42 23.14
C GLY B 44 -22.82 5.15 22.42
N LEU B 45 -23.37 5.29 21.21
CA LEU B 45 -23.76 4.12 20.43
C LEU B 45 -22.57 3.20 20.19
N THR B 46 -21.45 3.75 19.69
CA THR B 46 -20.34 2.89 19.33
C THR B 46 -19.65 2.32 20.57
N GLU B 47 -19.59 3.10 21.67
CA GLU B 47 -19.12 2.53 22.92
C GLU B 47 -20.00 1.36 23.36
N SER B 48 -21.31 1.49 23.21
CA SER B 48 -22.24 0.41 23.56
C SER B 48 -21.96 -0.84 22.72
N LEU B 49 -21.84 -0.67 21.39
CA LEU B 49 -21.58 -1.80 20.52
C LEU B 49 -20.30 -2.52 20.92
N ARG B 50 -19.26 -1.78 21.30
CA ARG B 50 -17.99 -2.41 21.65
C ARG B 50 -18.09 -3.20 22.94
N LYS B 51 -18.86 -2.72 23.92
CA LYS B 51 -18.94 -3.42 25.19
C LYS B 51 -19.82 -4.65 25.10
N LEU B 52 -20.77 -4.68 24.17
CA LEU B 52 -21.58 -5.87 23.95
C LEU B 52 -20.82 -6.99 23.24
N CYS B 53 -19.67 -6.70 22.64
CA CYS B 53 -18.90 -7.70 21.93
C CYS B 53 -17.65 -8.09 22.71
N LEU B 54 -17.38 -9.39 22.78
CA LEU B 54 -16.15 -9.86 23.40
C LEU B 54 -14.93 -9.51 22.54
N HIS B 55 -15.07 -9.66 21.22
CA HIS B 55 -14.07 -9.21 20.26
C HIS B 55 -14.21 -7.71 20.03
N HIS B 56 -13.20 -7.13 19.39
CA HIS B 56 -13.27 -5.75 18.92
C HIS B 56 -14.07 -5.72 17.62
N PRO B 57 -15.31 -5.23 17.64
CA PRO B 57 -16.15 -5.33 16.43
C PRO B 57 -15.76 -4.32 15.37
N VAL B 58 -16.02 -4.69 14.11
CA VAL B 58 -16.01 -3.71 13.03
C VAL B 58 -17.18 -2.74 13.23
N ILE B 59 -16.90 -1.45 13.16
CA ILE B 59 -17.94 -0.42 13.18
C ILE B 59 -17.71 0.42 11.94
N ALA B 60 -18.51 0.21 10.90
CA ALA B 60 -18.24 0.74 9.57
C ALA B 60 -19.33 1.72 9.14
N VAL B 61 -18.95 2.60 8.21
CA VAL B 61 -19.86 3.56 7.59
C VAL B 61 -19.43 3.78 6.15
N ASP B 62 -20.35 4.36 5.35
CA ASP B 62 -20.06 4.82 3.99
C ASP B 62 -19.79 6.32 4.04
N GLN B 63 -18.56 6.70 4.34
CA GLN B 63 -18.19 8.12 4.44
C GLN B 63 -17.27 8.46 3.27
N GLU B 64 -17.87 8.61 2.09
CA GLU B 64 -17.13 8.83 0.85
C GLU B 64 -16.84 10.30 0.59
N GLY B 65 -17.76 11.18 0.94
CA GLY B 65 -17.79 12.56 0.52
C GLY B 65 -18.98 12.85 -0.39
N GLY B 66 -19.28 14.14 -0.54
CA GLY B 66 -20.34 14.53 -1.43
C GLY B 66 -21.69 14.05 -0.95
N ARG B 67 -22.41 13.36 -1.82
CA ARG B 67 -23.75 12.85 -1.51
C ARG B 67 -23.71 11.57 -0.69
N VAL B 68 -22.54 10.97 -0.48
CA VAL B 68 -22.46 9.75 0.32
C VAL B 68 -21.65 10.04 1.57
N VAL B 69 -22.31 10.63 2.57
CA VAL B 69 -21.78 10.76 3.92
C VAL B 69 -22.91 10.38 4.86
N ARG B 70 -22.56 10.09 6.10
CA ARG B 70 -23.55 9.77 7.12
C ARG B 70 -23.53 10.78 8.27
N THR B 71 -22.78 11.86 8.14
CA THR B 71 -22.53 12.78 9.25
C THR B 71 -23.22 14.12 9.06
N ALA B 72 -24.23 14.19 8.19
CA ALA B 72 -24.88 15.47 7.91
C ALA B 72 -25.58 16.01 9.14
N SER B 73 -26.18 15.14 9.94
CA SER B 73 -26.82 15.61 11.17
C SER B 73 -25.82 16.26 12.11
N LEU B 74 -24.53 15.97 11.96
CA LEU B 74 -23.51 16.59 12.78
C LEU B 74 -23.01 17.91 12.21
N GLY B 75 -23.47 18.31 11.03
CA GLY B 75 -22.90 19.46 10.36
C GLY B 75 -21.61 19.19 9.63
N LEU B 76 -21.16 17.94 9.54
CA LEU B 76 -19.91 17.59 8.88
C LEU B 76 -20.21 17.13 7.45
N ASN B 77 -19.88 17.98 6.48
CA ASN B 77 -20.00 17.64 5.07
C ASN B 77 -18.61 17.65 4.43
N LEU B 78 -18.46 16.89 3.36
CA LEU B 78 -17.19 16.72 2.68
C LEU B 78 -17.42 16.78 1.18
N PRO B 79 -16.48 17.34 0.43
CA PRO B 79 -16.64 17.37 -1.03
C PRO B 79 -16.64 15.96 -1.61
N SER B 80 -17.17 15.86 -2.80
CA SER B 80 -17.22 14.56 -3.44
C SER B 80 -15.85 14.18 -4.01
N PRO B 81 -15.54 12.88 -4.08
CA PRO B 81 -14.32 12.48 -4.79
C PRO B 81 -14.21 13.06 -6.19
N ALA B 82 -15.29 13.00 -6.98
CA ALA B 82 -15.23 13.49 -8.35
C ALA B 82 -14.92 14.98 -8.40
N SER B 83 -15.48 15.76 -7.47
CA SER B 83 -15.18 17.19 -7.43
C SER B 83 -13.69 17.43 -7.15
N LEU B 84 -13.10 16.62 -6.26
CA LEU B 84 -11.66 16.77 -6.00
C LEU B 84 -10.84 16.35 -7.21
N ALA B 85 -11.26 15.29 -7.91
CA ALA B 85 -10.55 14.87 -9.11
C ALA B 85 -10.61 15.94 -10.20
N ARG B 86 -11.76 16.61 -10.33
CA ARG B 86 -11.87 17.69 -11.30
C ARG B 86 -10.97 18.86 -10.92
N LEU B 87 -10.88 19.16 -9.63
CA LEU B 87 -10.03 20.25 -9.15
C LEU B 87 -8.55 19.91 -9.36
N GLY B 88 -8.20 18.63 -9.35
CA GLY B 88 -6.80 18.25 -9.49
C GLY B 88 -5.98 18.53 -8.24
N SER B 89 -6.63 18.73 -7.10
CA SER B 89 -5.95 19.09 -5.86
C SER B 89 -5.44 17.83 -5.18
N VAL B 90 -4.12 17.62 -5.22
CA VAL B 90 -3.53 16.51 -4.49
C VAL B 90 -3.71 16.70 -2.98
N GLY B 91 -3.42 17.91 -2.49
CA GLY B 91 -3.58 18.18 -1.07
C GLY B 91 -5.01 18.01 -0.59
N GLY B 92 -5.99 18.30 -1.45
CA GLY B 92 -7.38 18.11 -1.05
C GLY B 92 -7.74 16.65 -0.86
N ILE B 93 -7.19 15.78 -1.71
CA ILE B 93 -7.39 14.34 -1.59
C ILE B 93 -6.75 13.82 -0.30
N VAL B 94 -5.51 14.23 -0.04
CA VAL B 94 -4.87 13.92 1.24
C VAL B 94 -5.76 14.38 2.40
N GLU B 95 -6.27 15.62 2.31
CA GLU B 95 -7.05 16.15 3.42
C GLU B 95 -8.39 15.45 3.58
N LEU B 96 -9.01 15.01 2.47
CA LEU B 96 -10.24 14.23 2.60
C LEU B 96 -10.00 12.96 3.41
N GLY B 97 -8.95 12.22 3.06
CA GLY B 97 -8.61 11.04 3.82
C GLY B 97 -8.24 11.36 5.26
N ALA B 98 -7.47 12.43 5.47
CA ALA B 98 -7.02 12.77 6.81
C ALA B 98 -8.18 13.18 7.70
N VAL B 99 -9.04 14.11 7.24
CA VAL B 99 -10.15 14.58 8.07
CA VAL B 99 -10.13 14.57 8.08
C VAL B 99 -11.15 13.45 8.29
N THR B 100 -11.39 12.62 7.27
CA THR B 100 -12.34 11.54 7.45
C THR B 100 -11.87 10.57 8.53
N ALA B 101 -10.58 10.19 8.49
CA ALA B 101 -10.02 9.38 9.56
C ALA B 101 -10.21 10.03 10.92
N LEU B 102 -9.84 11.31 11.03
CA LEU B 102 -9.93 12.00 12.32
C LEU B 102 -11.36 12.01 12.82
N ALA B 103 -12.29 12.40 11.94
CA ALA B 103 -13.70 12.48 12.33
C ALA B 103 -14.25 11.12 12.73
N LEU B 104 -13.98 10.10 11.90
CA LEU B 104 -14.55 8.78 12.19
C LEU B 104 -13.98 8.22 13.48
N ARG B 105 -12.67 8.38 13.69
CA ARG B 105 -12.08 7.88 14.92
C ARG B 105 -12.63 8.61 16.13
N TYR B 106 -12.93 9.91 16.02
CA TYR B 106 -13.54 10.59 17.15
C TYR B 106 -14.92 10.05 17.46
N LEU B 107 -15.66 9.58 16.45
CA LEU B 107 -16.98 9.04 16.70
C LEU B 107 -16.96 7.61 17.19
N GLY B 108 -15.80 6.95 17.18
CA GLY B 108 -15.72 5.54 17.50
C GLY B 108 -15.94 4.61 16.34
N VAL B 109 -15.91 5.11 15.10
CA VAL B 109 -15.98 4.29 13.90
C VAL B 109 -14.56 3.84 13.54
N ASN B 110 -14.40 2.59 13.11
CA ASN B 110 -13.06 2.06 12.85
C ASN B 110 -12.85 1.53 11.44
N LEU B 111 -13.86 1.56 10.57
CA LEU B 111 -13.67 1.16 9.18
C LEU B 111 -14.52 2.05 8.29
N ASN B 112 -13.95 2.50 7.17
CA ASN B 112 -14.67 3.30 6.19
C ASN B 112 -14.81 2.49 4.90
N PHE B 113 -16.04 2.42 4.37
CA PHE B 113 -16.29 1.74 3.10
C PHE B 113 -15.90 2.66 1.95
N ALA B 114 -14.58 2.84 1.81
CA ALA B 114 -13.98 3.71 0.81
C ALA B 114 -12.49 3.37 0.72
N PRO B 115 -11.84 3.65 -0.42
CA PRO B 115 -12.29 4.36 -1.61
C PRO B 115 -13.14 3.53 -2.57
N VAL B 116 -14.07 4.20 -3.25
CA VAL B 116 -14.67 3.65 -4.44
C VAL B 116 -13.60 3.53 -5.51
N LEU B 117 -13.40 2.33 -6.05
CA LEU B 117 -12.45 2.11 -7.11
C LEU B 117 -13.13 1.84 -8.44
N ASP B 118 -14.45 1.99 -8.49
CA ASP B 118 -15.17 1.90 -9.76
C ASP B 118 -14.72 3.01 -10.69
N ILE B 119 -14.59 2.69 -11.97
CA ILE B 119 -14.17 3.64 -12.99
C ILE B 119 -15.40 4.24 -13.65
N CYS B 120 -15.42 5.55 -13.81
CA CYS B 120 -16.53 6.23 -14.49
C CYS B 120 -16.32 6.12 -16.00
N HIS B 121 -16.82 5.04 -16.59
CA HIS B 121 -16.69 4.88 -18.03
C HIS B 121 -17.68 5.75 -18.80
N ASP B 122 -18.87 5.97 -18.25
CA ASP B 122 -19.89 6.72 -18.96
C ASP B 122 -20.61 7.70 -18.05
N PRO B 123 -20.37 9.02 -18.22
CA PRO B 123 -21.11 10.07 -17.51
C PRO B 123 -22.59 10.11 -17.87
N ASN B 127 -27.86 8.54 -13.51
CA ASN B 127 -27.07 8.11 -12.36
C ASN B 127 -27.71 8.56 -11.05
N ALA B 128 -27.77 7.64 -10.08
CA ALA B 128 -28.44 7.88 -8.81
C ALA B 128 -27.66 8.87 -7.94
N LEU B 129 -26.52 8.43 -7.41
CA LEU B 129 -25.64 9.28 -6.61
C LEU B 129 -24.43 9.67 -7.45
N PRO B 130 -24.43 10.86 -8.07
CA PRO B 130 -23.25 11.27 -8.83
C PRO B 130 -22.10 11.65 -7.93
N GLY B 131 -20.90 11.59 -8.50
CA GLY B 131 -19.71 12.11 -7.87
C GLY B 131 -18.88 11.12 -7.08
N ARG B 132 -19.20 9.83 -7.12
CA ARG B 132 -18.53 8.87 -6.25
C ARG B 132 -17.21 8.38 -6.79
N CYS B 133 -16.97 8.49 -8.10
CA CYS B 133 -15.79 7.91 -8.74
C CYS B 133 -14.63 8.89 -8.73
N TRP B 134 -13.41 8.36 -8.57
CA TRP B 134 -12.20 9.17 -8.56
C TRP B 134 -11.66 9.48 -9.95
N GLY B 135 -12.10 8.77 -11.00
CA GLY B 135 -11.55 9.03 -12.32
C GLY B 135 -12.31 8.28 -13.39
N ASP B 136 -11.93 8.53 -14.64
CA ASP B 136 -12.57 7.89 -15.79
C ASP B 136 -11.65 6.87 -16.45
N ASN B 137 -10.61 6.44 -15.73
CA ASN B 137 -9.67 5.44 -16.21
C ASN B 137 -8.96 4.85 -15.00
N ALA B 138 -8.41 3.65 -15.19
CA ALA B 138 -7.87 2.91 -14.05
C ALA B 138 -6.68 3.63 -13.44
N GLN B 139 -5.86 4.29 -14.26
CA GLN B 139 -4.64 4.89 -13.75
C GLN B 139 -4.94 6.09 -12.87
N ASP B 140 -5.96 6.89 -13.22
CA ASP B 140 -6.36 8.02 -12.38
C ASP B 140 -7.06 7.53 -11.12
N VAL B 141 -7.87 6.48 -11.22
CA VAL B 141 -8.50 5.92 -10.03
C VAL B 141 -7.44 5.40 -9.06
N ILE B 142 -6.41 4.72 -9.58
CA ILE B 142 -5.36 4.19 -8.70
C ILE B 142 -4.58 5.32 -8.04
N SER B 143 -4.25 6.36 -8.81
CA SER B 143 -3.46 7.45 -8.26
C SER B 143 -4.22 8.22 -7.17
N ARG B 144 -5.46 8.63 -7.47
CA ARG B 144 -6.23 9.42 -6.50
C ARG B 144 -6.73 8.54 -5.36
N GLY B 145 -7.35 7.40 -5.68
CA GLY B 145 -7.79 6.48 -4.65
C GLY B 145 -6.66 5.95 -3.79
N GLY B 146 -5.46 5.84 -4.36
CA GLY B 146 -4.32 5.41 -3.58
C GLY B 146 -3.90 6.46 -2.55
N VAL B 147 -3.82 7.72 -2.98
CA VAL B 147 -3.54 8.82 -2.05
C VAL B 147 -4.61 8.89 -0.96
N TYR B 148 -5.86 8.69 -1.34
CA TYR B 148 -6.95 8.73 -0.35
C TYR B 148 -6.81 7.60 0.66
N ALA B 149 -6.71 6.36 0.17
CA ALA B 149 -6.64 5.21 1.06
C ALA B 149 -5.43 5.28 1.97
N SER B 150 -4.30 5.78 1.45
CA SER B 150 -3.10 5.88 2.28
C SER B 150 -3.32 6.82 3.46
N ASN B 151 -4.00 7.92 3.23
CA ASN B 151 -4.12 8.92 4.29
C ASN B 151 -5.27 8.62 5.24
N LEU B 152 -6.26 7.87 4.77
CA LEU B 152 -7.27 7.30 5.65
C LEU B 152 -6.65 6.30 6.62
N ARG B 153 -5.89 5.33 6.10
CA ARG B 153 -5.27 4.36 6.97
C ARG B 153 -4.23 5.00 7.88
N ARG B 154 -3.53 6.01 7.38
CA ARG B 154 -2.55 6.73 8.20
C ARG B 154 -3.20 7.36 9.42
N GLY B 155 -4.45 7.79 9.31
CA GLY B 155 -5.18 8.28 10.46
C GLY B 155 -5.77 7.21 11.34
N GLY B 156 -5.55 5.93 11.01
CA GLY B 156 -5.97 4.84 11.87
C GLY B 156 -7.30 4.19 11.53
N VAL B 157 -7.94 4.58 10.42
CA VAL B 157 -9.22 4.01 10.03
C VAL B 157 -8.98 3.07 8.86
N GLN B 158 -9.56 1.86 8.94
CA GLN B 158 -9.32 0.86 7.92
C GLN B 158 -10.10 1.19 6.65
N SER B 159 -9.61 0.71 5.52
CA SER B 159 -10.14 1.05 4.22
C SER B 159 -10.88 -0.13 3.61
N CYS B 160 -11.67 0.16 2.58
CA CYS B 160 -12.34 -0.90 1.83
C CYS B 160 -12.48 -0.46 0.38
N GLY B 161 -11.84 -1.20 -0.53
CA GLY B 161 -12.00 -0.92 -1.95
C GLY B 161 -13.29 -1.55 -2.46
N LYS B 162 -14.08 -0.76 -3.18
CA LYS B 162 -15.38 -1.24 -3.66
C LYS B 162 -15.64 -0.60 -5.01
N HIS B 163 -16.48 -1.25 -5.84
CA HIS B 163 -17.10 -2.55 -5.58
C HIS B 163 -16.56 -3.57 -6.59
N PHE B 164 -15.93 -4.62 -6.08
CA PHE B 164 -15.37 -5.65 -6.95
C PHE B 164 -16.50 -6.42 -7.65
N PRO B 165 -16.36 -6.75 -8.94
CA PRO B 165 -15.20 -6.60 -9.82
C PRO B 165 -15.19 -5.32 -10.65
N GLY B 166 -15.87 -4.27 -10.19
CA GLY B 166 -15.83 -3.02 -10.92
C GLY B 166 -17.18 -2.62 -11.48
N MET B 167 -17.97 -1.91 -10.68
CA MET B 167 -19.32 -1.49 -11.06
C MET B 167 -19.34 -0.66 -12.35
N GLY B 168 -18.20 -0.12 -12.78
CA GLY B 168 -18.20 0.80 -13.91
C GLY B 168 -18.56 0.16 -15.23
N ARG B 169 -18.39 -1.16 -15.36
CA ARG B 169 -18.77 -1.86 -16.59
C ARG B 169 -20.11 -2.54 -16.49
N ALA B 170 -20.73 -2.54 -15.32
CA ALA B 170 -21.97 -3.27 -15.14
C ALA B 170 -23.06 -2.67 -16.03
N LEU B 171 -23.79 -3.54 -16.72
CA LEU B 171 -24.83 -3.15 -17.64
C LEU B 171 -26.06 -4.02 -17.40
N ALA B 172 -27.23 -3.43 -17.62
CA ALA B 172 -28.46 -4.21 -17.61
C ALA B 172 -28.42 -5.23 -18.74
N ASP B 173 -28.99 -6.41 -18.49
CA ASP B 173 -28.96 -7.46 -19.48
C ASP B 173 -30.31 -8.17 -19.53
N PRO B 174 -30.77 -8.55 -20.73
CA PRO B 174 -32.09 -9.21 -20.83
C PRO B 174 -32.15 -10.57 -20.17
N HIS B 175 -31.04 -11.31 -20.14
CA HIS B 175 -31.04 -12.72 -19.72
C HIS B 175 -30.60 -12.92 -18.29
N PHE B 176 -30.43 -11.85 -17.52
CA PHE B 176 -30.00 -11.97 -16.14
C PHE B 176 -30.78 -11.00 -15.28
N SER B 177 -31.08 -11.42 -14.05
CA SER B 177 -31.81 -10.56 -13.13
C SER B 177 -30.94 -9.45 -12.55
N LEU B 178 -29.65 -9.72 -12.36
CA LEU B 178 -28.69 -8.76 -11.83
C LEU B 178 -27.90 -8.13 -12.97
N PRO B 179 -27.20 -7.03 -12.72
CA PRO B 179 -26.36 -6.44 -13.77
C PRO B 179 -25.24 -7.37 -14.19
N VAL B 180 -24.68 -7.11 -15.37
CA VAL B 180 -23.77 -8.03 -16.05
C VAL B 180 -22.53 -7.30 -16.54
N ILE B 181 -21.37 -7.95 -16.39
CA ILE B 181 -20.12 -7.51 -17.00
C ILE B 181 -19.68 -8.60 -17.96
N GLY B 182 -19.75 -8.32 -19.26
CA GLY B 182 -19.46 -9.29 -20.28
C GLY B 182 -18.04 -9.34 -20.78
N LEU B 183 -17.14 -8.51 -20.25
CA LEU B 183 -15.78 -8.43 -20.74
C LEU B 183 -14.98 -9.68 -20.37
N ASP B 184 -14.00 -10.00 -21.20
CA ASP B 184 -13.03 -11.04 -20.87
C ASP B 184 -12.23 -10.64 -19.64
N GLU B 185 -11.84 -11.64 -18.84
CA GLU B 185 -11.02 -11.39 -17.66
C GLU B 185 -9.71 -10.68 -18.01
N ARG B 186 -9.12 -11.00 -19.16
CA ARG B 186 -7.88 -10.34 -19.55
C ARG B 186 -8.08 -8.84 -19.73
N GLU B 187 -9.17 -8.44 -20.38
CA GLU B 187 -9.43 -7.01 -20.55
C GLU B 187 -9.82 -6.35 -19.23
N LEU B 188 -10.50 -7.08 -18.36
CA LEU B 188 -10.83 -6.54 -17.04
C LEU B 188 -9.56 -6.29 -16.23
N PHE B 189 -8.57 -7.19 -16.36
CA PHE B 189 -7.34 -7.00 -15.58
C PHE B 189 -6.56 -5.78 -16.06
N LYS B 190 -6.72 -5.39 -17.31
CA LYS B 190 -6.10 -4.16 -17.79
C LYS B 190 -6.86 -2.91 -17.36
N THR B 191 -8.13 -3.05 -16.97
CA THR B 191 -8.96 -1.88 -16.67
C THR B 191 -9.59 -1.97 -15.29
N ASP B 192 -10.83 -2.46 -15.20
CA ASP B 192 -11.62 -2.25 -13.98
C ASP B 192 -11.12 -3.06 -12.80
N LEU B 193 -10.38 -4.15 -13.03
CA LEU B 193 -9.81 -4.91 -11.93
C LEU B 193 -8.46 -4.38 -11.51
N LEU B 194 -7.84 -3.53 -12.32
CA LEU B 194 -6.49 -3.07 -12.03
C LEU B 194 -6.37 -2.27 -10.75
N PRO B 195 -7.34 -1.42 -10.35
CA PRO B 195 -7.18 -0.70 -9.08
C PRO B 195 -7.17 -1.62 -7.88
N PHE B 196 -7.94 -2.71 -7.90
CA PHE B 196 -7.92 -3.64 -6.78
C PHE B 196 -6.57 -4.34 -6.69
N LEU B 197 -6.00 -4.69 -7.84
CA LEU B 197 -4.69 -5.33 -7.86
C LEU B 197 -3.60 -4.37 -7.42
N ALA B 198 -3.62 -3.14 -7.95
CA ALA B 198 -2.55 -2.18 -7.70
C ALA B 198 -2.54 -1.66 -6.26
N LEU B 199 -3.68 -1.66 -5.57
CA LEU B 199 -3.83 -1.02 -4.27
C LEU B 199 -4.00 -2.00 -3.12
N CYS B 200 -3.76 -3.31 -3.35
CA CYS B 200 -3.85 -4.33 -2.31
C CYS B 200 -3.16 -3.91 -1.00
N PRO B 201 -1.96 -3.31 -1.03
CA PRO B 201 -1.34 -2.90 0.24
C PRO B 201 -2.07 -1.80 0.98
N ALA B 202 -2.92 -1.01 0.31
CA ALA B 202 -3.64 0.09 0.95
C ALA B 202 -5.09 -0.24 1.27
N LEU B 203 -5.53 -1.46 0.99
CA LEU B 203 -6.92 -1.88 1.18
C LEU B 203 -6.97 -2.90 2.30
N SER B 204 -7.55 -2.50 3.43
CA SER B 204 -7.76 -3.43 4.53
C SER B 204 -8.77 -4.51 4.14
N SER B 205 -9.64 -4.21 3.19
CA SER B 205 -10.73 -5.10 2.82
C SER B 205 -11.19 -4.73 1.42
N ILE B 206 -12.01 -5.60 0.85
CA ILE B 206 -12.65 -5.33 -0.43
C ILE B 206 -14.13 -5.70 -0.30
N MET B 207 -15.00 -4.94 -0.96
CA MET B 207 -16.41 -5.25 -1.01
C MET B 207 -16.77 -5.70 -2.42
N SER B 208 -17.48 -6.82 -2.51
CA SER B 208 -17.93 -7.35 -3.78
C SER B 208 -19.37 -6.93 -4.03
N ALA B 209 -19.70 -6.72 -5.30
CA ALA B 209 -21.03 -6.32 -5.72
C ALA B 209 -21.80 -7.50 -6.30
N HIS B 210 -23.13 -7.36 -6.33
CA HIS B 210 -24.03 -8.39 -6.84
C HIS B 210 -24.12 -8.21 -8.36
N ILE B 211 -23.07 -8.68 -9.03
CA ILE B 211 -22.89 -8.50 -10.47
C ILE B 211 -22.50 -9.83 -11.09
N MET B 212 -23.06 -10.12 -12.26
CA MET B 212 -22.70 -11.33 -13.00
C MET B 212 -21.45 -11.11 -13.84
N LEU B 213 -20.55 -12.11 -13.81
CA LEU B 213 -19.43 -12.25 -14.73
C LEU B 213 -19.71 -13.53 -15.51
N PRO B 214 -20.60 -13.48 -16.52
CA PRO B 214 -21.13 -14.72 -17.10
C PRO B 214 -20.07 -15.58 -17.76
N GLN B 215 -18.96 -15.00 -18.23
CA GLN B 215 -17.90 -15.82 -18.80
C GLN B 215 -17.21 -16.66 -17.75
N ILE B 216 -17.28 -16.27 -16.48
CA ILE B 216 -16.66 -17.01 -15.39
C ILE B 216 -17.66 -17.86 -14.65
N ASP B 217 -18.89 -17.36 -14.48
CA ASP B 217 -19.93 -18.07 -13.76
C ASP B 217 -21.29 -17.51 -14.17
N PRO B 218 -22.06 -18.24 -14.98
CA PRO B 218 -23.36 -17.74 -15.43
C PRO B 218 -24.49 -17.96 -14.44
N ASP B 219 -24.21 -18.62 -13.31
CA ASP B 219 -25.27 -19.03 -12.39
C ASP B 219 -25.34 -18.21 -11.11
N TYR B 220 -24.26 -17.52 -10.73
CA TYR B 220 -24.23 -16.79 -9.47
C TYR B 220 -23.58 -15.42 -9.66
N PRO B 221 -24.06 -14.40 -8.97
CA PRO B 221 -23.33 -13.14 -8.93
C PRO B 221 -21.99 -13.30 -8.23
N ALA B 222 -21.09 -12.35 -8.49
CA ALA B 222 -19.75 -12.36 -7.91
C ALA B 222 -19.76 -12.70 -6.43
N THR B 223 -20.67 -12.09 -5.66
CA THR B 223 -20.70 -12.29 -4.21
C THR B 223 -21.02 -13.71 -3.80
N LEU B 224 -21.70 -14.46 -4.67
CA LEU B 224 -22.10 -15.83 -4.37
C LEU B 224 -21.39 -16.86 -5.23
N SER B 225 -20.33 -16.47 -5.94
CA SER B 225 -19.66 -17.34 -6.90
C SER B 225 -18.32 -17.79 -6.35
N GLU B 226 -18.18 -19.10 -6.14
CA GLU B 226 -16.88 -19.63 -5.76
C GLU B 226 -15.83 -19.30 -6.81
N ARG B 227 -16.18 -19.45 -8.08
CA ARG B 227 -15.22 -19.20 -9.15
C ARG B 227 -14.78 -17.75 -9.19
N VAL B 228 -15.66 -16.81 -8.82
CA VAL B 228 -15.28 -15.41 -8.88
C VAL B 228 -14.46 -15.02 -7.65
N ILE B 229 -14.87 -15.44 -6.46
CA ILE B 229 -14.21 -14.99 -5.23
C ILE B 229 -12.94 -15.79 -4.96
N ARG B 230 -13.07 -17.11 -4.84
CA ARG B 230 -11.88 -17.93 -4.58
C ARG B 230 -10.95 -17.95 -5.78
N GLY B 231 -11.51 -17.99 -6.99
CA GLY B 231 -10.71 -18.08 -8.19
C GLY B 231 -10.13 -16.75 -8.62
N LEU B 232 -11.00 -15.81 -8.98
CA LEU B 232 -10.51 -14.54 -9.50
C LEU B 232 -9.93 -13.67 -8.39
N LEU B 233 -10.69 -13.47 -7.31
CA LEU B 233 -10.26 -12.51 -6.29
C LEU B 233 -9.11 -13.04 -5.44
N ARG B 234 -9.24 -14.25 -4.91
CA ARG B 234 -8.21 -14.79 -4.01
C ARG B 234 -6.99 -15.29 -4.78
N ASP B 235 -7.19 -16.12 -5.79
CA ASP B 235 -6.07 -16.77 -6.46
C ASP B 235 -5.41 -15.83 -7.47
N ARG B 236 -6.17 -15.38 -8.46
CA ARG B 236 -5.56 -14.63 -9.56
C ARG B 236 -5.26 -13.19 -9.17
N LEU B 237 -6.15 -12.55 -8.41
CA LEU B 237 -5.85 -11.20 -7.94
C LEU B 237 -5.00 -11.20 -6.67
N GLY B 238 -5.02 -12.28 -5.90
CA GLY B 238 -4.14 -12.41 -4.76
C GLY B 238 -4.55 -11.69 -3.49
N PHE B 239 -5.82 -11.30 -3.36
CA PHE B 239 -6.23 -10.54 -2.19
C PHE B 239 -6.39 -11.46 -1.00
N ARG B 240 -5.69 -11.15 0.10
CA ARG B 240 -5.69 -11.95 1.31
C ARG B 240 -6.49 -11.32 2.44
N GLY B 241 -7.09 -10.15 2.21
CA GLY B 241 -7.82 -9.46 3.25
C GLY B 241 -9.27 -9.88 3.34
N VAL B 242 -9.98 -9.20 4.23
CA VAL B 242 -11.41 -9.47 4.45
C VAL B 242 -12.22 -9.02 3.24
N VAL B 243 -13.17 -9.86 2.83
CA VAL B 243 -14.05 -9.55 1.71
C VAL B 243 -15.47 -9.37 2.22
N PHE B 244 -16.00 -8.17 2.06
CA PHE B 244 -17.40 -7.86 2.37
C PHE B 244 -18.27 -8.10 1.13
N THR B 245 -19.57 -8.27 1.37
CA THR B 245 -20.54 -8.21 0.29
C THR B 245 -21.31 -6.90 0.38
N ASP B 246 -21.85 -6.49 -0.76
CA ASP B 246 -22.86 -5.44 -0.75
C ASP B 246 -24.06 -5.93 0.06
N ASP B 247 -24.94 -4.99 0.40
CA ASP B 247 -26.06 -5.32 1.28
C ASP B 247 -26.91 -6.44 0.67
N LEU B 248 -27.35 -7.35 1.53
CA LEU B 248 -28.18 -8.47 1.11
C LEU B 248 -29.67 -8.22 1.32
N CYS B 249 -30.04 -7.09 1.95
CA CYS B 249 -31.42 -6.85 2.37
C CYS B 249 -32.21 -6.00 1.41
N MET B 250 -31.57 -5.29 0.48
CA MET B 250 -32.27 -4.38 -0.42
C MET B 250 -31.76 -4.56 -1.84
N GLY B 251 -32.66 -4.50 -2.80
CA GLY B 251 -32.27 -4.47 -4.20
C GLY B 251 -32.57 -5.77 -4.91
N ALA B 252 -32.04 -5.85 -6.14
CA ALA B 252 -32.37 -6.96 -7.02
C ALA B 252 -31.97 -8.30 -6.44
N ILE B 253 -30.94 -8.34 -5.59
CA ILE B 253 -30.48 -9.60 -5.01
C ILE B 253 -31.59 -10.27 -4.21
N THR B 254 -32.48 -9.48 -3.59
CA THR B 254 -33.52 -10.04 -2.74
C THR B 254 -34.60 -10.75 -3.54
N THR B 255 -34.76 -10.42 -4.81
CA THR B 255 -35.67 -11.17 -5.67
C THR B 255 -35.14 -12.56 -5.98
N GLN B 256 -33.84 -12.78 -5.80
CA GLN B 256 -33.20 -14.06 -6.07
C GLN B 256 -33.01 -14.90 -4.83
N TYR B 257 -32.62 -14.28 -3.71
CA TYR B 257 -32.27 -15.00 -2.51
C TYR B 257 -32.79 -14.26 -1.29
N SER B 258 -33.16 -15.01 -0.26
CA SER B 258 -33.40 -14.44 1.04
C SER B 258 -32.06 -14.06 1.68
N PRO B 259 -32.05 -13.06 2.57
CA PRO B 259 -30.76 -12.61 3.14
C PRO B 259 -29.97 -13.69 3.85
N ASP B 260 -30.64 -14.63 4.54
CA ASP B 260 -29.88 -15.66 5.25
C ASP B 260 -29.25 -16.64 4.26
N ASP B 261 -29.98 -17.02 3.22
CA ASP B 261 -29.42 -17.91 2.20
C ASP B 261 -28.32 -17.22 1.41
N ALA B 262 -28.53 -15.96 1.02
CA ALA B 262 -27.49 -15.23 0.31
C ALA B 262 -26.25 -15.05 1.17
N ALA B 263 -26.42 -14.84 2.49
CA ALA B 263 -25.26 -14.70 3.36
C ALA B 263 -24.47 -16.00 3.45
N PHE B 264 -25.17 -17.13 3.61
CA PHE B 264 -24.50 -18.42 3.63
C PHE B 264 -23.79 -18.67 2.31
N LEU B 265 -24.46 -18.39 1.20
CA LEU B 265 -23.85 -18.63 -0.11
C LEU B 265 -22.61 -17.79 -0.32
N SER B 266 -22.58 -16.58 0.26
CA SER B 266 -21.38 -15.74 0.09
C SER B 266 -20.21 -16.29 0.89
N LEU B 267 -20.47 -16.87 2.07
CA LEU B 267 -19.41 -17.50 2.83
C LEU B 267 -18.89 -18.75 2.11
N LYS B 268 -19.80 -19.60 1.67
CA LYS B 268 -19.44 -20.73 0.82
C LYS B 268 -18.61 -20.27 -0.38
N ALA B 269 -18.95 -19.11 -0.95
CA ALA B 269 -18.23 -18.60 -2.11
C ALA B 269 -16.84 -18.11 -1.77
N GLY B 270 -16.57 -17.81 -0.50
CA GLY B 270 -15.26 -17.33 -0.08
C GLY B 270 -15.25 -15.91 0.45
N CYS B 271 -16.38 -15.20 0.45
CA CYS B 271 -16.43 -13.94 1.17
C CYS B 271 -16.31 -14.19 2.67
N ASP B 272 -15.95 -13.14 3.41
CA ASP B 272 -15.77 -13.25 4.85
C ASP B 272 -16.93 -12.68 5.65
N LEU B 273 -17.44 -11.50 5.29
CA LEU B 273 -18.44 -10.79 6.08
C LEU B 273 -19.56 -10.25 5.20
N PRO B 274 -20.62 -11.02 4.98
CA PRO B 274 -21.79 -10.48 4.28
C PRO B 274 -22.44 -9.36 5.07
N LEU B 275 -23.06 -8.43 4.36
CA LEU B 275 -23.70 -7.27 4.97
C LEU B 275 -25.21 -7.48 5.05
N ILE B 276 -25.73 -7.53 6.27
CA ILE B 276 -27.16 -7.62 6.50
C ILE B 276 -27.59 -6.30 7.15
N CYS B 277 -27.90 -5.31 6.31
CA CYS B 277 -27.94 -3.92 6.75
C CYS B 277 -29.28 -3.47 7.33
N HIS B 278 -30.39 -4.03 6.86
CA HIS B 278 -31.69 -3.47 7.22
C HIS B 278 -32.62 -4.59 7.70
N ASP B 279 -33.21 -4.38 8.87
CA ASP B 279 -34.02 -5.40 9.55
C ASP B 279 -33.28 -6.73 9.61
N PRO B 280 -32.11 -6.79 10.25
CA PRO B 280 -31.29 -7.99 10.17
C PRO B 280 -31.76 -9.15 11.04
N LEU B 281 -32.53 -8.89 12.09
CA LEU B 281 -32.73 -9.91 13.12
C LEU B 281 -33.44 -11.17 12.61
N PRO B 282 -34.45 -11.12 11.73
CA PRO B 282 -35.08 -12.37 11.27
C PRO B 282 -34.15 -13.29 10.48
N TRP B 283 -32.95 -12.84 10.10
CA TRP B 283 -32.09 -13.63 9.23
C TRP B 283 -30.88 -14.24 9.94
N LEU B 284 -30.61 -13.86 11.18
CA LEU B 284 -29.33 -14.22 11.79
C LEU B 284 -29.29 -15.67 12.26
N ASP B 285 -30.39 -16.16 12.84
CA ASP B 285 -30.38 -17.52 13.38
C ASP B 285 -30.18 -18.56 12.28
N GLY B 286 -30.78 -18.31 11.10
CA GLY B 286 -30.55 -19.20 9.98
C GLY B 286 -29.10 -19.23 9.54
N LEU B 287 -28.45 -18.07 9.51
CA LEU B 287 -27.03 -18.02 9.17
C LEU B 287 -26.20 -18.73 10.24
N ALA B 288 -26.50 -18.48 11.51
CA ALA B 288 -25.72 -19.08 12.59
C ALA B 288 -25.76 -20.61 12.55
N SER B 289 -26.85 -21.19 12.05
CA SER B 289 -26.95 -22.64 11.99
C SER B 289 -26.42 -23.22 10.68
N ARG B 290 -26.59 -22.50 9.56
CA ARG B 290 -26.10 -23.01 8.29
C ARG B 290 -24.58 -22.95 8.18
N GLN B 291 -23.92 -22.11 8.98
CA GLN B 291 -22.47 -21.98 8.85
C GLN B 291 -21.74 -23.24 9.30
N GLU B 292 -22.39 -24.11 10.06
CA GLU B 292 -21.75 -25.36 10.49
C GLU B 292 -21.58 -26.33 9.34
N SER B 293 -22.32 -26.16 8.25
CA SER B 293 -22.13 -27.00 7.07
C SER B 293 -20.96 -26.54 6.20
N LEU B 294 -20.26 -25.48 6.58
CA LEU B 294 -19.10 -25.02 5.83
C LEU B 294 -17.87 -25.84 6.18
N ASN B 295 -16.96 -25.98 5.22
CA ASN B 295 -15.72 -26.70 5.47
C ASN B 295 -14.95 -26.02 6.61
N ALA B 296 -14.53 -26.83 7.60
CA ALA B 296 -13.95 -26.27 8.82
C ALA B 296 -12.65 -25.53 8.54
N TYR B 297 -11.79 -26.08 7.67
CA TYR B 297 -10.56 -25.37 7.31
C TYR B 297 -10.85 -24.05 6.60
N ASP B 298 -11.81 -24.05 5.67
CA ASP B 298 -12.23 -22.82 5.03
C ASP B 298 -12.71 -21.80 6.06
N ARG B 299 -13.54 -22.25 7.01
CA ARG B 299 -14.00 -21.37 8.08
C ARG B 299 -12.84 -20.84 8.89
N TRP B 300 -11.83 -21.66 9.13
CA TRP B 300 -10.66 -21.21 9.90
C TRP B 300 -9.86 -20.18 9.12
N ASP B 301 -9.68 -20.39 7.81
CA ASP B 301 -9.00 -19.40 6.98
C ASP B 301 -9.74 -18.06 7.02
N SER B 302 -11.06 -18.10 6.89
CA SER B 302 -11.85 -16.87 6.93
C SER B 302 -11.75 -16.20 8.31
N PHE B 303 -11.81 -17.00 9.37
CA PHE B 303 -11.76 -16.42 10.72
C PHE B 303 -10.47 -15.66 10.97
N LYS B 304 -9.35 -16.18 10.46
CA LYS B 304 -8.06 -15.51 10.65
C LYS B 304 -8.00 -14.18 9.92
N ARG B 305 -8.57 -14.11 8.71
CA ARG B 305 -8.70 -12.84 8.01
C ARG B 305 -9.46 -11.84 8.88
N VAL B 306 -10.60 -12.26 9.43
CA VAL B 306 -11.43 -11.37 10.23
C VAL B 306 -10.73 -10.99 11.52
N GLU B 307 -10.02 -11.94 12.13
CA GLU B 307 -9.32 -11.65 13.39
C GLU B 307 -8.16 -10.69 13.14
N LYS B 308 -7.49 -10.82 11.99
CA LYS B 308 -6.44 -9.87 11.61
C LYS B 308 -7.00 -8.48 11.40
N LEU B 309 -8.14 -8.37 10.71
CA LEU B 309 -8.79 -7.06 10.59
C LEU B 309 -9.15 -6.53 11.97
N SER B 310 -9.77 -7.37 12.80
CA SER B 310 -10.24 -6.93 14.12
C SER B 310 -9.08 -6.43 14.97
N ASP B 311 -7.92 -7.08 14.87
CA ASP B 311 -6.76 -6.65 15.63
C ASP B 311 -6.14 -5.37 15.08
N SER B 312 -6.48 -4.97 13.86
CA SER B 312 -6.02 -3.69 13.36
C SER B 312 -6.96 -2.54 13.75
N LEU B 313 -8.16 -2.85 14.24
CA LEU B 313 -9.15 -1.82 14.48
C LEU B 313 -8.70 -0.88 15.59
N CYS B 314 -9.00 0.41 15.41
CA CYS B 314 -8.62 1.50 16.30
CA CYS B 314 -8.58 1.38 16.40
C CYS B 314 -9.76 1.83 17.25
N PHE B 315 -9.43 2.41 18.37
CA PHE B 315 -10.34 2.86 19.41
C PHE B 315 -10.54 4.37 19.30
N PRO B 316 -11.69 4.87 19.77
CA PRO B 316 -11.96 6.30 19.67
C PRO B 316 -10.97 7.13 20.47
N PHE B 317 -10.73 8.35 19.98
CA PHE B 317 -9.94 9.30 20.74
C PHE B 317 -10.64 9.58 22.07
N PRO B 318 -9.88 9.93 23.11
CA PRO B 318 -10.52 10.41 24.33
C PRO B 318 -11.36 11.65 24.04
N GLU B 319 -12.40 11.84 24.84
CA GLU B 319 -13.28 12.99 24.68
C GLU B 319 -12.49 14.29 24.71
N LYS B 320 -12.71 15.13 23.71
CA LYS B 320 -12.05 16.44 23.65
C LYS B 320 -12.81 17.30 22.65
N ALA B 321 -13.57 18.28 23.17
CA ALA B 321 -14.45 19.05 22.30
C ALA B 321 -13.67 19.84 21.25
N SER B 322 -12.46 20.32 21.59
CA SER B 322 -11.73 21.10 20.61
C SER B 322 -11.14 20.24 19.50
N LEU B 323 -11.03 18.93 19.73
CA LEU B 323 -10.58 18.02 18.68
C LEU B 323 -11.68 17.85 17.63
N TRP B 324 -12.91 17.59 18.08
CA TRP B 324 -14.03 17.55 17.15
C TRP B 324 -14.22 18.88 16.45
N ASP B 325 -14.03 20.00 17.16
CA ASP B 325 -14.18 21.30 16.51
C ASP B 325 -13.17 21.48 15.39
N SER B 326 -11.95 20.95 15.58
CA SER B 326 -10.95 20.96 14.52
C SER B 326 -11.42 20.14 13.31
N CYS B 327 -12.02 18.96 13.54
CA CYS B 327 -12.59 18.20 12.43
C CYS B 327 -13.60 19.05 11.65
N LEU B 328 -14.49 19.72 12.38
CA LEU B 328 -15.53 20.51 11.74
C LEU B 328 -14.94 21.64 10.91
N ARG B 329 -13.94 22.34 11.44
CA ARG B 329 -13.38 23.46 10.70
C ARG B 329 -12.52 22.99 9.53
N ARG B 330 -11.87 21.83 9.66
CA ARG B 330 -11.09 21.33 8.53
C ARG B 330 -12.00 20.86 7.40
N ALA B 331 -13.12 20.20 7.74
CA ALA B 331 -14.10 19.82 6.74
C ALA B 331 -14.69 21.04 6.04
N GLU B 332 -15.07 22.05 6.82
CA GLU B 332 -15.57 23.29 6.25
C GLU B 332 -14.55 23.91 5.30
N ALA B 333 -13.28 23.94 5.71
CA ALA B 333 -12.24 24.49 4.82
C ALA B 333 -12.11 23.64 3.56
N LEU B 334 -12.23 22.32 3.69
CA LEU B 334 -12.10 21.44 2.52
C LEU B 334 -13.25 21.67 1.54
N CYS B 335 -14.46 21.91 2.06
CA CYS B 335 -15.59 22.21 1.19
C CYS B 335 -15.38 23.55 0.48
N ARG B 336 -14.86 24.56 1.19
CA ARG B 336 -14.55 25.83 0.55
C ARG B 336 -13.49 25.68 -0.53
N LEU B 337 -12.51 24.78 -0.32
CA LEU B 337 -11.47 24.57 -1.32
C LEU B 337 -12.07 24.16 -2.66
N GLU B 338 -13.02 23.22 -2.62
CA GLU B 338 -13.59 22.73 -3.88
C GLU B 338 -14.52 23.76 -4.51
N GLU B 339 -15.34 24.42 -3.69
CA GLU B 339 -16.23 25.46 -4.20
C GLU B 339 -15.45 26.57 -4.88
N ASP B 340 -14.38 27.04 -4.22
CA ASP B 340 -13.57 28.12 -4.78
C ASP B 340 -12.87 27.69 -6.05
N GLY B 341 -12.40 26.44 -6.11
CA GLY B 341 -11.74 25.94 -7.30
C GLY B 341 -12.67 25.70 -8.46
N ARG B 342 -13.97 25.51 -8.20
CA ARG B 342 -14.93 25.33 -9.28
C ARG B 342 -14.91 26.51 -10.25
N GLU B 343 -14.99 27.72 -9.71
CA GLU B 343 -14.96 28.95 -10.49
C GLU B 343 -13.78 29.01 -11.47
#